data_5CE8
#
_entry.id   5CE8
#
_cell.length_a   93.540
_cell.length_b   93.540
_cell.length_c   212.510
_cell.angle_alpha   90.000
_cell.angle_beta   90.000
_cell.angle_gamma   120.000
#
_symmetry.space_group_name_H-M   'P 32 1 2'
#
loop_
_entity.id
_entity.type
_entity.pdbx_description
1 polymer 'Branched-chain amino acid aminotransferase'
2 non-polymer "PYRIDOXAL-5'-PHOSPHATE"
3 non-polymer DI(HYDROXYETHYL)ETHER
4 water water
#
_entity_poly.entity_id   1
_entity_poly.type   'polypeptide(L)'
_entity_poly.pdbx_seq_one_letter_code
;MRGSHHHHHHGSMKVWLDGRLVDEEEAKVTVLSPSLNYGFGVFEGIRAYWNGENLYVFRLRDHMERLLRSAKIIGLDVPY
TAEELSKAVVETVRANGFKEDLYIRPVAYISKPQISLDVRGLQASVAIAAIPFGKYLKVEGVRAAVVSWRRVHTSMMPVM
AKATGIYLNSIMAAVEARARGYDEAIMLNAEGKVVEGSGENIFIVRRGVLMTPPLEDGILEGITRETVISIAGDLGIPLL
EKSITREELYAADEAFFVGTAAEITPIIEIDGRVLQRGPITQKIAETYRRIVLGKEEKYLPWLTPVY
;
_entity_poly.pdbx_strand_id   A,B,C
#
loop_
_chem_comp.id
_chem_comp.type
_chem_comp.name
_chem_comp.formula
PEG non-polymer DI(HYDROXYETHYL)ETHER 'C4 H10 O3'
PLP non-polymer PYRIDOXAL-5'-PHOSPHATE 'C8 H10 N O6 P'
#
# COMPACT_ATOMS: atom_id res chain seq x y z
N SER A 12 -22.57 45.20 -9.62
CA SER A 12 -23.23 44.12 -8.81
C SER A 12 -23.53 42.82 -9.63
N MET A 13 -24.39 42.94 -10.65
CA MET A 13 -24.84 41.86 -11.49
C MET A 13 -25.81 40.95 -10.76
N LYS A 14 -26.83 40.55 -11.48
CA LYS A 14 -27.99 39.80 -10.95
C LYS A 14 -27.63 38.32 -11.00
N VAL A 15 -28.04 37.56 -9.98
CA VAL A 15 -27.82 36.13 -9.82
C VAL A 15 -29.17 35.52 -9.46
N TRP A 16 -29.42 34.36 -9.99
CA TRP A 16 -30.66 33.68 -9.69
C TRP A 16 -30.47 32.82 -8.44
N LEU A 17 -31.42 32.99 -7.56
CA LEU A 17 -31.45 32.30 -6.36
C LEU A 17 -32.87 31.85 -6.11
N ASP A 18 -33.12 30.56 -6.18
CA ASP A 18 -34.42 30.03 -5.95
C ASP A 18 -35.60 30.74 -6.61
N GLY A 19 -35.45 30.90 -7.90
CA GLY A 19 -36.49 31.50 -8.69
C GLY A 19 -36.61 33.00 -8.59
N ARG A 20 -35.61 33.72 -8.02
CA ARG A 20 -35.57 35.21 -7.94
C ARG A 20 -34.23 35.71 -8.40
N LEU A 21 -34.26 36.85 -9.09
CA LEU A 21 -33.04 37.50 -9.54
C LEU A 21 -32.65 38.46 -8.42
N VAL A 22 -31.51 38.23 -7.81
CA VAL A 22 -31.13 39.01 -6.64
C VAL A 22 -29.80 39.62 -7.02
N ASP A 23 -29.41 40.68 -6.38
CA ASP A 23 -28.05 41.21 -6.55
C ASP A 23 -27.00 40.24 -6.00
N GLU A 24 -25.79 40.21 -6.54
CA GLU A 24 -24.86 39.11 -6.17
C GLU A 24 -24.47 39.17 -4.69
N GLU A 25 -24.51 40.35 -4.06
CA GLU A 25 -24.33 40.47 -2.57
C GLU A 25 -25.46 39.81 -1.71
N GLU A 26 -26.63 39.62 -2.25
CA GLU A 26 -27.62 38.87 -1.49
C GLU A 26 -27.44 37.36 -1.81
N ALA A 27 -26.64 36.97 -2.81
CA ALA A 27 -26.66 35.53 -3.18
C ALA A 27 -25.68 34.84 -2.21
N LYS A 28 -26.13 34.65 -0.98
CA LYS A 28 -25.30 34.11 0.13
C LYS A 28 -26.01 32.99 0.83
N VAL A 29 -25.24 32.21 1.56
CA VAL A 29 -25.81 31.06 2.28
C VAL A 29 -25.25 31.03 3.68
N THR A 30 -26.09 30.73 4.66
CA THR A 30 -25.67 30.64 6.05
C THR A 30 -24.43 29.77 6.15
N VAL A 31 -23.53 30.25 6.98
CA VAL A 31 -22.21 29.56 7.18
C VAL A 31 -22.37 28.27 7.96
N LEU A 32 -23.57 28.01 8.49
CA LEU A 32 -23.83 26.72 9.13
C LEU A 32 -24.53 25.69 8.23
N SER A 33 -24.69 25.98 6.94
CA SER A 33 -25.23 25.01 6.02
C SER A 33 -24.37 23.77 6.05
N PRO A 34 -25.00 22.58 6.10
CA PRO A 34 -24.22 21.37 5.87
C PRO A 34 -23.57 21.33 4.43
N SER A 35 -23.97 22.20 3.48
CA SER A 35 -23.23 22.27 2.24
C SER A 35 -21.89 22.91 2.33
N LEU A 36 -21.76 23.92 3.20
CA LEU A 36 -20.53 24.54 3.47
C LEU A 36 -19.59 23.74 4.37
N ASN A 37 -20.19 23.15 5.37
CA ASN A 37 -19.43 22.54 6.44
C ASN A 37 -19.03 21.09 6.08
N TYR A 38 -19.76 20.43 5.18
CA TYR A 38 -19.58 18.97 4.84
C TYR A 38 -19.48 18.59 3.32
N GLY A 39 -19.37 19.58 2.43
CA GLY A 39 -19.28 19.43 0.96
C GLY A 39 -20.42 18.63 0.35
N PHE A 40 -21.63 18.88 0.82
CA PHE A 40 -22.80 18.28 0.29
C PHE A 40 -23.59 19.25 -0.61
N GLY A 41 -23.15 19.25 -1.88
CA GLY A 41 -23.68 20.12 -2.91
C GLY A 41 -23.39 19.46 -4.25
N VAL A 42 -24.00 19.99 -5.28
CA VAL A 42 -23.56 19.77 -6.65
C VAL A 42 -23.43 21.09 -7.40
N PHE A 43 -22.67 21.06 -8.50
CA PHE A 43 -22.55 22.24 -9.33
C PHE A 43 -22.43 21.82 -10.79
N GLU A 44 -22.36 22.84 -11.63
CA GLU A 44 -22.11 22.75 -13.08
C GLU A 44 -21.25 23.88 -13.59
N GLY A 45 -20.85 23.75 -14.85
CA GLY A 45 -20.05 24.80 -15.51
C GLY A 45 -20.61 24.83 -16.91
N ILE A 46 -21.05 26.01 -17.32
CA ILE A 46 -21.66 26.15 -18.64
C ILE A 46 -21.11 27.38 -19.26
N ARG A 47 -20.75 27.29 -20.53
CA ARG A 47 -20.36 28.51 -21.26
C ARG A 47 -21.37 29.04 -22.22
N ALA A 48 -21.28 30.36 -22.45
CA ALA A 48 -22.04 31.00 -23.48
C ALA A 48 -21.05 31.71 -24.25
N TYR A 49 -21.23 31.68 -25.56
CA TYR A 49 -20.33 32.35 -26.45
C TYR A 49 -21.04 33.37 -27.41
N TRP A 50 -20.42 34.51 -27.55
CA TRP A 50 -20.84 35.62 -28.38
C TRP A 50 -20.18 35.39 -29.71
N ASN A 51 -20.95 35.30 -30.77
CA ASN A 51 -20.38 35.16 -32.08
C ASN A 51 -20.45 36.47 -32.88
N GLY A 52 -20.88 37.57 -32.28
CA GLY A 52 -21.09 38.79 -33.02
C GLY A 52 -22.56 39.05 -33.33
N GLU A 53 -23.38 38.03 -33.53
CA GLU A 53 -24.86 38.14 -33.77
C GLU A 53 -25.70 37.85 -32.57
N ASN A 54 -25.20 36.94 -31.72
CA ASN A 54 -26.03 36.45 -30.63
C ASN A 54 -25.13 35.75 -29.63
N LEU A 55 -25.69 35.51 -28.44
CA LEU A 55 -24.98 34.82 -27.36
C LEU A 55 -25.63 33.48 -27.26
N TYR A 56 -24.86 32.41 -27.53
CA TYR A 56 -25.36 30.97 -27.49
C TYR A 56 -24.78 30.23 -26.27
N VAL A 57 -25.70 29.69 -25.48
CA VAL A 57 -25.34 28.88 -24.35
C VAL A 57 -25.12 27.43 -24.86
N PHE A 58 -23.97 26.85 -24.54
CA PHE A 58 -23.55 25.61 -25.18
C PHE A 58 -23.97 24.50 -24.33
N ARG A 59 -24.78 23.61 -24.92
CA ARG A 59 -25.40 22.39 -24.34
C ARG A 59 -26.04 22.58 -22.98
N LEU A 60 -26.91 23.59 -22.95
CA LEU A 60 -27.54 23.95 -21.66
C LEU A 60 -28.29 22.87 -20.98
N ARG A 61 -29.21 22.28 -21.72
CA ARG A 61 -30.03 21.19 -21.21
C ARG A 61 -29.22 19.98 -20.84
N ASP A 62 -28.16 19.66 -21.56
CA ASP A 62 -27.35 18.53 -21.16
C ASP A 62 -26.71 18.84 -19.75
N HIS A 63 -26.28 20.10 -19.51
CA HIS A 63 -25.67 20.48 -18.25
C HIS A 63 -26.65 20.45 -17.12
N MET A 64 -27.83 21.01 -17.36
CA MET A 64 -28.84 20.89 -16.36
C MET A 64 -29.33 19.48 -16.11
N GLU A 65 -29.46 18.65 -17.13
CA GLU A 65 -29.79 17.22 -16.87
C GLU A 65 -28.73 16.59 -15.97
N ARG A 66 -27.46 16.92 -16.22
CA ARG A 66 -26.37 16.32 -15.46
C ARG A 66 -26.35 16.86 -14.00
N LEU A 67 -26.66 18.14 -13.78
CA LEU A 67 -26.84 18.65 -12.37
C LEU A 67 -27.77 17.75 -11.53
N LEU A 68 -28.95 17.55 -12.10
CA LEU A 68 -29.98 16.68 -11.56
C LEU A 68 -29.49 15.21 -11.34
N ARG A 69 -28.71 14.63 -12.30
CA ARG A 69 -28.17 13.26 -12.10
C ARG A 69 -27.18 13.36 -10.95
N SER A 70 -26.35 14.41 -10.92
CA SER A 70 -25.38 14.63 -9.78
C SER A 70 -26.06 14.64 -8.47
N ALA A 71 -27.19 15.33 -8.37
CA ALA A 71 -27.95 15.36 -7.11
C ALA A 71 -28.52 13.97 -6.70
N LYS A 72 -29.12 13.31 -7.64
CA LYS A 72 -29.77 12.01 -7.31
C LYS A 72 -28.68 11.01 -6.91
N ILE A 73 -27.53 11.15 -7.55
CA ILE A 73 -26.38 10.34 -7.14
C ILE A 73 -26.03 10.57 -5.62
N ILE A 74 -26.02 11.81 -5.18
CA ILE A 74 -25.57 12.13 -3.79
C ILE A 74 -26.74 12.12 -2.81
N GLY A 75 -27.99 12.10 -3.32
CA GLY A 75 -29.22 12.13 -2.46
C GLY A 75 -29.58 13.58 -2.11
N LEU A 76 -29.24 14.52 -2.97
CA LEU A 76 -29.64 15.92 -2.77
C LEU A 76 -30.98 16.17 -3.52
N ASP A 77 -31.97 16.84 -2.91
CA ASP A 77 -33.30 16.91 -3.49
C ASP A 77 -33.36 18.29 -4.16
N VAL A 78 -33.31 18.29 -5.49
CA VAL A 78 -33.34 19.55 -6.27
C VAL A 78 -34.77 19.78 -6.75
N PRO A 79 -35.47 20.80 -6.24
CA PRO A 79 -36.88 20.90 -6.59
C PRO A 79 -37.16 21.62 -7.91
N TYR A 80 -36.31 21.47 -8.89
CA TYR A 80 -36.49 22.11 -10.19
C TYR A 80 -36.20 21.14 -11.29
N THR A 81 -36.85 21.32 -12.41
CA THR A 81 -36.52 20.43 -13.55
C THR A 81 -35.37 21.07 -14.36
N ALA A 82 -34.86 20.26 -15.25
CA ALA A 82 -33.83 20.67 -16.19
C ALA A 82 -34.28 21.89 -16.96
N GLU A 83 -35.55 21.84 -17.35
CA GLU A 83 -36.17 22.80 -18.21
C GLU A 83 -36.27 24.12 -17.48
N GLU A 84 -36.81 24.09 -16.26
CA GLU A 84 -36.80 25.24 -15.39
C GLU A 84 -35.41 25.90 -15.21
N LEU A 85 -34.44 25.05 -14.92
CA LEU A 85 -33.10 25.60 -14.69
C LEU A 85 -32.56 26.18 -15.94
N SER A 86 -32.79 25.50 -17.07
CA SER A 86 -32.39 26.03 -18.39
C SER A 86 -32.95 27.44 -18.65
N LYS A 87 -34.27 27.60 -18.44
CA LYS A 87 -34.91 28.96 -18.56
C LYS A 87 -34.36 30.01 -17.63
N ALA A 88 -34.09 29.59 -16.38
CA ALA A 88 -33.49 30.43 -15.35
C ALA A 88 -32.14 30.92 -15.76
N VAL A 89 -31.33 30.09 -16.39
CA VAL A 89 -30.09 30.63 -16.99
C VAL A 89 -30.31 31.75 -17.98
N VAL A 90 -31.16 31.47 -18.96
CA VAL A 90 -31.46 32.41 -20.03
C VAL A 90 -31.94 33.77 -19.51
N GLU A 91 -32.73 33.77 -18.43
CA GLU A 91 -33.15 35.00 -17.77
C GLU A 91 -32.07 35.66 -17.02
N THR A 92 -31.17 34.91 -16.39
CA THR A 92 -30.03 35.56 -15.69
C THR A 92 -29.09 36.28 -16.65
N VAL A 93 -28.80 35.62 -17.78
CA VAL A 93 -28.01 36.27 -18.77
C VAL A 93 -28.74 37.56 -19.24
N ARG A 94 -30.01 37.42 -19.58
CA ARG A 94 -30.79 38.55 -20.10
C ARG A 94 -30.88 39.72 -19.11
N ALA A 95 -31.17 39.39 -17.85
CA ALA A 95 -31.17 40.36 -16.77
C ALA A 95 -29.94 41.20 -16.75
N ASN A 96 -28.79 40.59 -16.96
CA ASN A 96 -27.53 41.33 -16.93
C ASN A 96 -27.09 42.07 -18.22
N GLY A 97 -27.85 41.94 -19.27
CA GLY A 97 -27.49 42.46 -20.60
C GLY A 97 -26.18 42.04 -21.18
N PHE A 98 -25.72 40.83 -20.86
CA PHE A 98 -24.44 40.38 -21.35
C PHE A 98 -24.49 40.15 -22.84
N LYS A 99 -23.41 40.56 -23.51
CA LYS A 99 -23.20 40.36 -24.96
C LYS A 99 -21.73 40.03 -25.15
N GLU A 100 -21.30 38.95 -24.46
CA GLU A 100 -19.88 38.52 -24.45
C GLU A 100 -19.79 37.09 -23.85
N ASP A 101 -18.63 36.47 -23.99
CA ASP A 101 -18.34 35.10 -23.48
C ASP A 101 -18.47 35.10 -21.95
N LEU A 102 -19.19 34.10 -21.48
CA LEU A 102 -19.49 33.87 -20.08
C LEU A 102 -19.19 32.44 -19.67
N TYR A 103 -18.88 32.28 -18.39
CA TYR A 103 -18.98 31.04 -17.66
C TYR A 103 -20.14 31.20 -16.69
N ILE A 104 -21.05 30.28 -16.76
CA ILE A 104 -22.23 30.22 -15.92
C ILE A 104 -22.09 29.06 -14.84
N ARG A 105 -22.22 29.42 -13.59
CA ARG A 105 -22.15 28.46 -12.48
C ARG A 105 -23.47 28.20 -11.73
N PRO A 106 -24.13 27.07 -12.04
CA PRO A 106 -25.26 26.60 -11.23
C PRO A 106 -24.69 25.88 -10.04
N VAL A 107 -25.14 26.24 -8.84
CA VAL A 107 -24.76 25.60 -7.67
C VAL A 107 -25.99 25.24 -6.85
N ALA A 108 -26.13 23.96 -6.57
CA ALA A 108 -27.17 23.42 -5.71
C ALA A 108 -26.62 23.03 -4.32
N TYR A 109 -27.31 23.46 -3.27
CA TYR A 109 -26.79 23.37 -1.86
C TYR A 109 -27.91 23.61 -0.86
N ILE A 110 -27.68 23.29 0.42
CA ILE A 110 -28.67 23.40 1.41
C ILE A 110 -28.60 24.83 2.07
N SER A 111 -29.71 25.59 2.02
CA SER A 111 -29.74 26.92 2.57
C SER A 111 -30.09 26.89 4.12
N LYS A 112 -30.58 25.78 4.64
CA LYS A 112 -30.84 25.65 6.07
C LYS A 112 -29.51 25.40 6.91
N PRO A 113 -29.35 26.02 8.08
CA PRO A 113 -28.27 25.63 8.99
C PRO A 113 -28.47 24.23 9.61
N GLN A 114 -27.47 23.35 9.61
CA GLN A 114 -27.67 22.01 10.21
C GLN A 114 -26.32 21.43 10.54
N ILE A 115 -26.08 21.18 11.80
CA ILE A 115 -24.90 20.46 12.26
C ILE A 115 -24.91 18.96 11.92
N SER A 116 -26.09 18.35 12.02
CA SER A 116 -26.18 16.87 11.83
C SER A 116 -25.77 16.38 10.39
N LEU A 117 -25.04 15.30 10.29
CA LEU A 117 -24.79 14.69 8.98
C LEU A 117 -25.99 14.04 8.31
N ASP A 118 -27.13 13.97 8.98
CA ASP A 118 -28.32 13.32 8.40
C ASP A 118 -29.08 14.35 7.52
N VAL A 119 -28.68 14.44 6.27
CA VAL A 119 -29.21 15.45 5.35
C VAL A 119 -30.49 14.98 4.62
N ARG A 120 -30.97 13.79 4.99
CA ARG A 120 -32.21 13.30 4.42
C ARG A 120 -33.38 14.26 4.43
N GLY A 121 -34.09 14.28 3.32
CA GLY A 121 -35.35 14.98 3.24
C GLY A 121 -35.28 16.50 3.18
N LEU A 122 -34.08 17.08 3.26
CA LEU A 122 -33.87 18.51 3.11
C LEU A 122 -34.04 18.87 1.67
N GLN A 123 -34.32 20.12 1.42
CA GLN A 123 -34.62 20.47 0.05
C GLN A 123 -33.55 21.47 -0.42
N ALA A 124 -32.92 21.25 -1.54
CA ALA A 124 -31.84 22.16 -1.97
C ALA A 124 -32.34 23.50 -2.45
N SER A 125 -31.45 24.50 -2.38
CA SER A 125 -31.58 25.74 -3.15
C SER A 125 -30.70 25.66 -4.39
N VAL A 126 -31.04 26.42 -5.43
CA VAL A 126 -30.21 26.55 -6.59
C VAL A 126 -29.88 28.04 -6.82
N ALA A 127 -28.61 28.34 -6.95
CA ALA A 127 -28.18 29.69 -7.40
C ALA A 127 -27.45 29.53 -8.69
N ILE A 128 -27.63 30.52 -9.55
CA ILE A 128 -27.06 30.54 -10.88
C ILE A 128 -26.55 31.90 -11.17
N ALA A 129 -25.25 31.92 -11.35
CA ALA A 129 -24.47 33.10 -11.68
C ALA A 129 -23.85 32.94 -13.05
N ALA A 130 -23.83 34.09 -13.74
CA ALA A 130 -23.27 34.27 -15.08
C ALA A 130 -22.20 35.33 -15.03
N ILE A 131 -20.95 34.99 -15.39
CA ILE A 131 -19.87 35.86 -15.24
C ILE A 131 -19.01 35.99 -16.52
N PRO A 132 -18.50 37.20 -16.80
CA PRO A 132 -17.62 37.32 -17.92
C PRO A 132 -16.44 36.45 -17.72
N PHE A 133 -15.93 35.85 -18.81
CA PHE A 133 -14.83 34.83 -18.69
C PHE A 133 -14.17 34.61 -20.01
N GLY A 134 -12.85 34.86 -20.06
CA GLY A 134 -11.98 34.46 -21.17
C GLY A 134 -11.47 33.02 -21.07
N LYS A 135 -10.18 32.86 -21.27
CA LYS A 135 -9.54 31.50 -21.27
C LYS A 135 -9.09 30.99 -19.85
N TYR A 136 -9.17 29.65 -19.60
CA TYR A 136 -8.71 28.96 -18.33
C TYR A 136 -7.26 28.41 -18.38
N LEU A 137 -6.85 27.97 -19.57
CA LEU A 137 -5.50 27.51 -19.81
C LEU A 137 -4.96 28.14 -21.06
N LYS A 138 -3.64 28.33 -21.10
CA LYS A 138 -2.91 28.83 -22.30
C LYS A 138 -3.41 28.16 -23.61
N VAL A 139 -3.77 28.94 -24.63
CA VAL A 139 -4.35 28.34 -25.89
C VAL A 139 -3.29 27.52 -26.64
N GLU A 140 -2.09 28.05 -26.63
CA GLU A 140 -0.96 27.39 -27.31
C GLU A 140 -0.45 26.13 -26.65
N GLY A 141 -0.95 25.77 -25.46
CA GLY A 141 -0.52 24.55 -24.76
C GLY A 141 0.01 24.78 -23.35
N VAL A 142 -0.15 23.82 -22.53
CA VAL A 142 0.23 23.89 -21.12
C VAL A 142 1.18 22.76 -20.74
N ARG A 143 1.92 22.92 -19.66
CA ARG A 143 2.90 21.96 -19.17
C ARG A 143 2.16 21.33 -18.03
N ALA A 144 2.18 20.02 -18.00
CA ALA A 144 1.52 19.28 -16.96
C ALA A 144 2.44 18.36 -16.15
N ALA A 145 2.07 18.14 -14.89
CA ALA A 145 2.78 17.30 -13.97
C ALA A 145 1.83 16.23 -13.47
N VAL A 146 2.29 14.98 -13.47
CA VAL A 146 1.47 13.94 -12.74
C VAL A 146 1.70 14.22 -11.28
N VAL A 147 0.61 14.42 -10.54
CA VAL A 147 0.69 14.71 -9.13
C VAL A 147 0.72 13.56 -8.14
N SER A 148 1.11 13.89 -6.90
CA SER A 148 1.27 12.88 -5.83
C SER A 148 -0.12 12.39 -5.33
N TRP A 149 -1.13 13.25 -5.41
CA TRP A 149 -2.50 13.00 -5.09
C TRP A 149 -3.23 12.13 -6.09
N ARG A 150 -3.82 11.05 -5.65
CA ARG A 150 -4.64 10.26 -6.51
C ARG A 150 -6.07 10.79 -6.53
N ARG A 151 -6.74 10.61 -7.67
CA ARG A 151 -8.18 10.88 -7.77
C ARG A 151 -8.99 10.13 -6.72
N VAL A 152 -9.95 10.80 -6.14
CA VAL A 152 -10.69 10.21 -5.06
C VAL A 152 -11.44 9.01 -5.74
N HIS A 153 -11.60 7.91 -5.04
CA HIS A 153 -12.04 6.63 -5.59
C HIS A 153 -13.58 6.45 -5.43
N THR A 154 -14.20 5.78 -6.40
CA THR A 154 -15.68 5.49 -6.35
C THR A 154 -16.20 4.79 -5.05
N SER A 155 -15.36 3.89 -4.48
CA SER A 155 -15.59 3.18 -3.20
C SER A 155 -15.74 4.13 -2.01
N MET A 156 -15.35 5.39 -2.19
CA MET A 156 -15.36 6.40 -1.13
C MET A 156 -16.19 7.67 -1.37
N MET A 157 -16.25 8.17 -2.62
CA MET A 157 -17.24 9.18 -3.01
C MET A 157 -17.70 8.96 -4.46
N PRO A 158 -18.86 9.54 -4.85
CA PRO A 158 -19.45 9.21 -6.15
C PRO A 158 -18.97 10.16 -7.19
N VAL A 159 -17.73 9.87 -7.63
CA VAL A 159 -16.98 10.71 -8.48
C VAL A 159 -17.63 11.15 -9.78
N MET A 160 -18.56 10.35 -10.28
CA MET A 160 -19.29 10.71 -11.51
C MET A 160 -20.22 11.88 -11.23
N ALA A 161 -20.55 12.14 -9.99
CA ALA A 161 -21.37 13.29 -9.69
C ALA A 161 -20.45 14.49 -9.61
N LYS A 162 -20.92 15.65 -10.09
CA LYS A 162 -20.17 16.91 -10.02
C LYS A 162 -20.48 17.50 -8.68
N ALA A 163 -19.89 16.91 -7.69
CA ALA A 163 -20.27 17.20 -6.31
C ALA A 163 -19.20 17.92 -5.54
N THR A 164 -19.61 18.88 -4.74
CA THR A 164 -18.76 19.98 -4.20
C THR A 164 -17.60 19.48 -3.37
N GLY A 165 -17.95 18.60 -2.44
CA GLY A 165 -17.01 18.05 -1.49
C GLY A 165 -15.85 17.28 -2.11
N ILE A 166 -16.10 16.61 -3.24
CA ILE A 166 -15.01 15.91 -4.05
C ILE A 166 -13.87 16.83 -4.46
N TYR A 167 -14.13 18.11 -4.73
CA TYR A 167 -13.10 19.03 -5.33
C TYR A 167 -11.90 19.51 -4.38
N LEU A 168 -11.94 19.15 -3.10
CA LEU A 168 -10.83 19.29 -2.23
C LEU A 168 -9.59 18.48 -2.75
N ASN A 169 -9.89 17.30 -3.24
CA ASN A 169 -8.91 16.45 -3.99
C ASN A 169 -8.35 17.15 -5.27
N SER A 170 -9.29 17.73 -6.07
CA SER A 170 -8.93 18.51 -7.24
C SER A 170 -8.10 19.75 -6.87
N ILE A 171 -8.43 20.45 -5.76
CA ILE A 171 -7.63 21.57 -5.32
C ILE A 171 -6.24 21.10 -4.89
N MET A 172 -6.17 20.06 -4.08
CA MET A 172 -4.86 19.46 -3.75
C MET A 172 -4.05 19.28 -5.01
N ALA A 173 -4.63 18.67 -6.03
CA ALA A 173 -3.85 18.36 -7.27
C ALA A 173 -3.46 19.69 -7.99
N ALA A 174 -4.43 20.60 -8.11
CA ALA A 174 -4.24 21.83 -8.86
C ALA A 174 -3.15 22.67 -8.24
N VAL A 175 -3.15 22.75 -6.91
CA VAL A 175 -2.17 23.54 -6.18
C VAL A 175 -0.82 22.90 -6.24
N GLU A 176 -0.75 21.59 -6.09
CA GLU A 176 0.51 20.93 -6.21
C GLU A 176 1.18 21.23 -7.53
N ALA A 177 0.46 21.15 -8.64
CA ALA A 177 1.08 21.42 -9.90
C ALA A 177 1.51 22.89 -10.10
N ARG A 178 0.63 23.78 -9.69
CA ARG A 178 0.86 25.21 -9.83
C ARG A 178 1.88 25.75 -8.91
N ALA A 179 1.97 25.24 -7.68
CA ALA A 179 3.06 25.61 -6.71
C ALA A 179 4.48 25.47 -7.33
N ARG A 180 4.69 24.43 -8.13
CA ARG A 180 5.89 24.30 -8.97
C ARG A 180 5.92 25.10 -10.34
N GLY A 181 4.97 25.99 -10.61
CA GLY A 181 4.90 26.69 -11.92
C GLY A 181 4.51 25.89 -13.20
N TYR A 182 4.09 24.62 -13.09
CA TYR A 182 3.30 23.94 -14.16
C TYR A 182 1.93 24.57 -14.26
N ASP A 183 1.28 24.37 -15.39
CA ASP A 183 -0.02 25.01 -15.57
C ASP A 183 -1.14 24.13 -15.03
N GLU A 184 -0.98 22.80 -15.04
CA GLU A 184 -2.09 21.93 -14.63
C GLU A 184 -1.56 20.57 -14.16
N ALA A 185 -2.45 19.91 -13.42
CA ALA A 185 -2.24 18.58 -12.85
C ALA A 185 -2.77 17.51 -13.68
N ILE A 186 -2.12 16.34 -13.63
CA ILE A 186 -2.75 15.08 -14.09
C ILE A 186 -2.83 14.21 -12.89
N MET A 187 -3.94 13.48 -12.73
CA MET A 187 -4.13 12.64 -11.60
C MET A 187 -4.35 11.22 -12.07
N LEU A 188 -3.60 10.32 -11.45
CA LEU A 188 -3.78 8.87 -11.56
C LEU A 188 -4.95 8.45 -10.66
N ASN A 189 -5.70 7.43 -11.05
CA ASN A 189 -6.66 6.78 -10.14
C ASN A 189 -5.97 5.79 -9.10
N ALA A 190 -6.74 5.12 -8.23
CA ALA A 190 -6.12 4.31 -7.14
C ALA A 190 -5.35 3.13 -7.76
N GLU A 191 -5.74 2.74 -8.94
CA GLU A 191 -5.21 1.57 -9.64
C GLU A 191 -4.04 2.01 -10.51
N GLY A 192 -3.73 3.28 -10.53
CA GLY A 192 -2.53 3.78 -11.17
C GLY A 192 -2.64 4.26 -12.60
N LYS A 193 -3.88 4.37 -13.13
CA LYS A 193 -4.16 4.73 -14.50
C LYS A 193 -4.48 6.20 -14.50
N VAL A 194 -4.02 6.90 -15.55
CA VAL A 194 -4.33 8.38 -15.76
C VAL A 194 -5.85 8.56 -15.86
N VAL A 195 -6.42 9.49 -15.12
CA VAL A 195 -7.83 9.73 -15.32
C VAL A 195 -8.28 11.18 -15.66
N GLU A 196 -7.71 12.16 -15.03
CA GLU A 196 -8.33 13.53 -14.99
C GLU A 196 -7.23 14.58 -14.91
N GLY A 197 -7.49 15.82 -15.33
CA GLY A 197 -6.74 16.93 -14.84
C GLY A 197 -7.46 17.32 -13.55
N SER A 198 -7.08 18.37 -12.91
CA SER A 198 -7.86 18.84 -11.76
C SER A 198 -9.33 19.14 -12.07
N GLY A 199 -9.55 19.72 -13.23
CA GLY A 199 -10.86 20.02 -13.69
C GLY A 199 -11.10 19.74 -15.17
N GLU A 200 -10.47 18.69 -15.74
CA GLU A 200 -10.53 18.48 -17.22
C GLU A 200 -10.46 17.04 -17.51
N ASN A 201 -11.08 16.60 -18.61
CA ASN A 201 -10.86 15.20 -19.08
C ASN A 201 -9.63 15.27 -19.95
N ILE A 202 -9.06 14.11 -20.15
CA ILE A 202 -7.75 13.98 -20.86
C ILE A 202 -7.91 13.05 -22.07
N PHE A 203 -7.24 13.42 -23.18
CA PHE A 203 -7.17 12.62 -24.39
C PHE A 203 -5.71 12.47 -24.84
N ILE A 204 -5.33 11.28 -25.30
CA ILE A 204 -4.05 11.24 -26.00
C ILE A 204 -4.25 10.85 -27.46
N VAL A 205 -3.24 11.04 -28.30
CA VAL A 205 -3.22 10.41 -29.62
C VAL A 205 -2.01 9.49 -29.65
N ARG A 206 -2.24 8.28 -30.06
CA ARG A 206 -1.18 7.29 -30.00
C ARG A 206 -1.38 6.55 -31.26
N ARG A 207 -0.43 6.77 -32.20
CA ARG A 207 -0.42 6.00 -33.47
C ARG A 207 -1.77 6.09 -34.21
N GLY A 208 -2.22 7.32 -34.30
CA GLY A 208 -3.38 7.67 -35.11
C GLY A 208 -4.67 7.42 -34.45
N VAL A 209 -4.63 7.00 -33.20
CA VAL A 209 -5.83 6.68 -32.52
C VAL A 209 -5.95 7.55 -31.29
N LEU A 210 -7.12 8.15 -31.18
CA LEU A 210 -7.46 9.00 -30.09
C LEU A 210 -7.92 8.05 -28.93
N MET A 211 -7.33 8.25 -27.77
CA MET A 211 -7.68 7.45 -26.58
C MET A 211 -8.04 8.32 -25.41
N THR A 212 -9.06 7.93 -24.69
CA THR A 212 -9.54 8.67 -23.47
C THR A 212 -9.95 7.70 -22.36
N PRO A 213 -9.64 8.00 -21.07
CA PRO A 213 -9.96 7.01 -20.10
C PRO A 213 -11.47 6.82 -20.09
N PRO A 214 -11.85 5.61 -19.79
CA PRO A 214 -13.20 5.29 -19.85
C PRO A 214 -13.97 5.61 -18.59
N LEU A 215 -15.27 5.45 -18.68
CA LEU A 215 -16.21 5.93 -17.64
C LEU A 215 -15.92 5.38 -16.30
N GLU A 216 -15.56 4.10 -16.31
CA GLU A 216 -15.39 3.33 -15.12
C GLU A 216 -14.14 3.66 -14.34
N ASP A 217 -13.20 4.37 -14.96
CA ASP A 217 -11.90 4.59 -14.37
C ASP A 217 -11.89 5.60 -13.19
N GLY A 218 -13.00 6.33 -12.97
CA GLY A 218 -13.01 7.36 -11.99
C GLY A 218 -13.13 8.77 -12.54
N ILE A 219 -13.51 8.99 -13.82
CA ILE A 219 -13.70 10.36 -14.41
C ILE A 219 -15.06 10.96 -14.09
N LEU A 220 -15.13 12.28 -14.21
CA LEU A 220 -16.40 12.88 -14.42
C LEU A 220 -16.66 12.80 -15.95
N GLU A 221 -17.84 12.34 -16.34
CA GLU A 221 -18.32 12.23 -17.73
C GLU A 221 -18.49 13.65 -18.35
N GLY A 222 -17.43 14.23 -18.89
CA GLY A 222 -17.51 15.57 -19.35
C GLY A 222 -18.36 15.59 -20.61
N ILE A 223 -19.05 16.70 -20.74
CA ILE A 223 -19.82 17.08 -21.89
C ILE A 223 -18.89 17.63 -22.98
N THR A 224 -17.78 18.24 -22.64
CA THR A 224 -16.78 18.55 -23.64
C THR A 224 -16.19 17.24 -24.18
N ARG A 225 -15.96 16.31 -23.28
CA ARG A 225 -15.51 14.92 -23.64
C ARG A 225 -16.48 14.29 -24.62
N GLU A 226 -17.79 14.38 -24.30
CA GLU A 226 -18.78 13.81 -25.11
C GLU A 226 -18.79 14.52 -26.48
N THR A 227 -18.73 15.85 -26.48
CA THR A 227 -18.60 16.56 -27.78
C THR A 227 -17.41 16.07 -28.62
N VAL A 228 -16.23 16.01 -27.99
CA VAL A 228 -15.03 15.53 -28.65
C VAL A 228 -15.28 14.13 -29.28
N ILE A 229 -16.03 13.29 -28.55
CA ILE A 229 -16.25 11.93 -29.05
C ILE A 229 -17.14 12.09 -30.33
N SER A 230 -18.21 12.91 -30.33
CA SER A 230 -19.02 13.17 -31.57
C SER A 230 -18.19 13.75 -32.68
N ILE A 231 -17.32 14.70 -32.34
CA ILE A 231 -16.49 15.33 -33.39
C ILE A 231 -15.60 14.24 -33.97
N ALA A 232 -14.96 13.44 -33.13
CA ALA A 232 -14.09 12.36 -33.74
C ALA A 232 -14.84 11.49 -34.75
N GLY A 233 -16.09 11.16 -34.48
CA GLY A 233 -16.89 10.36 -35.40
C GLY A 233 -17.14 11.11 -36.72
N ASP A 234 -17.54 12.35 -36.57
CA ASP A 234 -17.66 13.19 -37.71
C ASP A 234 -16.41 13.20 -38.54
N LEU A 235 -15.27 13.35 -37.89
CA LEU A 235 -14.04 13.52 -38.63
C LEU A 235 -13.39 12.23 -39.08
N GLY A 236 -13.96 11.11 -38.71
CA GLY A 236 -13.25 9.84 -39.02
C GLY A 236 -12.02 9.42 -38.22
N ILE A 237 -11.88 10.03 -37.10
CA ILE A 237 -10.78 9.71 -36.23
C ILE A 237 -11.14 8.51 -35.32
N PRO A 238 -10.40 7.41 -35.46
CA PRO A 238 -10.65 6.26 -34.63
C PRO A 238 -10.46 6.58 -33.13
N LEU A 239 -11.39 6.18 -32.27
CA LEU A 239 -11.43 6.58 -30.90
C LEU A 239 -11.64 5.37 -29.99
N LEU A 240 -10.88 5.32 -28.89
CA LEU A 240 -11.01 4.17 -27.98
C LEU A 240 -11.08 4.77 -26.59
N GLU A 241 -12.08 4.31 -25.84
CA GLU A 241 -12.19 4.53 -24.46
C GLU A 241 -11.55 3.43 -23.74
N LYS A 242 -10.28 3.64 -23.36
CA LYS A 242 -9.44 2.58 -22.76
C LYS A 242 -8.54 3.22 -21.65
N SER A 243 -8.19 2.42 -20.65
CA SER A 243 -7.32 2.95 -19.63
C SER A 243 -6.01 3.42 -20.21
N ILE A 244 -5.52 4.56 -19.69
CA ILE A 244 -4.26 5.14 -20.10
C ILE A 244 -3.19 5.00 -19.02
N THR A 245 -1.97 4.51 -19.32
CA THR A 245 -0.94 4.57 -18.31
C THR A 245 -0.11 5.89 -18.43
N ARG A 246 0.64 6.17 -17.39
CA ARG A 246 1.65 7.12 -17.45
C ARG A 246 2.67 6.97 -18.64
N GLU A 247 3.19 5.78 -18.86
CA GLU A 247 3.99 5.42 -20.05
C GLU A 247 3.39 5.81 -21.41
N GLU A 248 2.12 5.64 -21.61
CA GLU A 248 1.41 6.00 -22.85
C GLU A 248 1.29 7.51 -22.90
N LEU A 249 1.24 8.17 -21.76
CA LEU A 249 1.18 9.63 -21.82
C LEU A 249 2.58 10.24 -22.30
N TYR A 250 3.62 9.75 -21.63
CA TYR A 250 5.03 10.12 -21.87
C TYR A 250 5.40 9.93 -23.33
N ALA A 251 4.94 8.82 -23.93
CA ALA A 251 5.16 8.37 -25.30
C ALA A 251 4.13 8.80 -26.31
N ALA A 252 3.08 9.49 -25.90
CA ALA A 252 2.07 9.88 -26.86
C ALA A 252 2.60 10.76 -27.98
N ASP A 253 1.99 10.64 -29.15
CA ASP A 253 2.16 11.58 -30.26
C ASP A 253 1.59 12.94 -29.97
N GLU A 254 0.54 12.96 -29.17
CA GLU A 254 -0.18 14.21 -28.78
C GLU A 254 -1.01 13.93 -27.57
N ALA A 255 -1.37 15.02 -26.92
CA ALA A 255 -2.20 15.03 -25.69
C ALA A 255 -2.89 16.36 -25.51
N PHE A 256 -4.10 16.27 -25.01
CA PHE A 256 -4.88 17.45 -24.70
C PHE A 256 -5.92 17.21 -23.59
N PHE A 257 -6.22 18.30 -22.90
CA PHE A 257 -7.28 18.42 -21.92
C PHE A 257 -8.51 19.05 -22.58
N VAL A 258 -9.69 18.64 -22.06
CA VAL A 258 -10.99 19.13 -22.52
C VAL A 258 -11.83 19.42 -21.26
N GLY A 259 -12.63 20.50 -21.36
CA GLY A 259 -13.51 20.90 -20.31
C GLY A 259 -14.18 22.17 -20.72
N THR A 260 -15.29 22.48 -20.02
CA THR A 260 -16.08 23.59 -20.35
C THR A 260 -15.14 24.77 -20.29
N ALA A 261 -14.41 24.98 -19.16
CA ALA A 261 -13.54 26.14 -18.98
C ALA A 261 -12.29 25.99 -19.82
N ALA A 262 -11.80 24.76 -19.88
CA ALA A 262 -10.58 24.48 -20.64
C ALA A 262 -10.72 24.54 -22.17
N GLU A 263 -11.93 24.29 -22.68
CA GLU A 263 -12.17 24.08 -24.15
C GLU A 263 -11.27 22.89 -24.56
N ILE A 264 -10.43 23.06 -25.55
CA ILE A 264 -9.50 22.01 -26.06
C ILE A 264 -8.14 22.61 -25.89
N THR A 265 -7.38 22.14 -24.90
CA THR A 265 -6.07 22.73 -24.63
C THR A 265 -5.08 21.62 -24.90
N PRO A 266 -4.15 21.82 -25.89
CA PRO A 266 -2.95 20.98 -26.09
C PRO A 266 -2.12 20.83 -24.79
N ILE A 267 -1.59 19.64 -24.53
CA ILE A 267 -0.62 19.44 -23.47
C ILE A 267 0.79 19.31 -24.16
N ILE A 268 1.68 20.29 -23.99
CA ILE A 268 2.96 20.25 -24.69
C ILE A 268 4.12 19.76 -23.82
N GLU A 269 3.86 19.52 -22.56
CA GLU A 269 4.86 19.01 -21.66
C GLU A 269 4.19 18.25 -20.57
N ILE A 270 4.69 17.04 -20.33
CA ILE A 270 4.30 16.20 -19.22
C ILE A 270 5.54 15.67 -18.53
N ASP A 271 5.70 16.07 -17.25
CA ASP A 271 6.88 15.68 -16.38
C ASP A 271 8.15 15.95 -17.12
N GLY A 272 8.26 17.13 -17.77
CA GLY A 272 9.45 17.47 -18.60
C GLY A 272 9.58 16.87 -20.00
N ARG A 273 8.80 15.85 -20.32
CA ARG A 273 8.75 15.18 -21.64
C ARG A 273 7.89 16.04 -22.57
N VAL A 274 8.57 16.58 -23.59
CA VAL A 274 7.99 17.43 -24.59
C VAL A 274 7.04 16.70 -25.50
N LEU A 275 5.88 17.29 -25.81
CA LEU A 275 5.00 16.72 -26.83
C LEU A 275 4.72 17.84 -27.77
N GLN A 276 4.72 17.53 -29.07
CA GLN A 276 4.31 18.48 -30.15
C GLN A 276 2.90 19.05 -29.91
N ARG A 277 2.63 20.32 -30.26
CA ARG A 277 1.21 20.75 -30.37
C ARG A 277 0.67 20.10 -31.70
N GLY A 278 -0.09 18.99 -31.62
CA GLY A 278 -0.31 18.12 -32.79
C GLY A 278 -1.46 18.45 -33.78
N PRO A 279 -1.53 17.74 -34.91
CA PRO A 279 -2.65 17.96 -35.85
C PRO A 279 -4.07 17.54 -35.45
N ILE A 280 -4.22 16.43 -34.72
CA ILE A 280 -5.53 15.97 -34.22
C ILE A 280 -6.06 17.00 -33.21
N THR A 281 -5.23 17.39 -32.25
CA THR A 281 -5.64 18.30 -31.27
C THR A 281 -6.02 19.60 -31.95
N GLN A 282 -5.22 20.08 -32.88
CA GLN A 282 -5.58 21.30 -33.61
C GLN A 282 -6.92 21.16 -34.35
N LYS A 283 -7.13 20.05 -35.05
CA LYS A 283 -8.30 19.91 -35.86
C LYS A 283 -9.48 19.81 -34.91
N ILE A 284 -9.38 19.06 -33.82
CA ILE A 284 -10.50 19.03 -32.81
C ILE A 284 -10.77 20.45 -32.19
N ALA A 285 -9.70 21.18 -31.85
CA ALA A 285 -9.84 22.53 -31.29
C ALA A 285 -10.62 23.43 -32.29
N GLU A 286 -10.12 23.49 -33.53
CA GLU A 286 -10.76 24.31 -34.65
C GLU A 286 -12.22 23.93 -34.84
N THR A 287 -12.58 22.64 -34.79
CA THR A 287 -13.98 22.14 -35.03
C THR A 287 -14.85 22.50 -33.86
N TYR A 288 -14.39 22.20 -32.65
CA TYR A 288 -15.07 22.69 -31.42
C TYR A 288 -15.40 24.21 -31.48
N ARG A 289 -14.44 25.03 -31.88
CA ARG A 289 -14.61 26.51 -31.98
C ARG A 289 -15.75 26.90 -32.95
N ARG A 290 -15.81 26.23 -34.09
CA ARG A 290 -16.80 26.45 -35.10
C ARG A 290 -18.14 25.96 -34.61
N ILE A 291 -18.14 24.88 -33.85
CA ILE A 291 -19.42 24.41 -33.29
C ILE A 291 -20.01 25.43 -32.31
N VAL A 292 -19.21 25.88 -31.38
CA VAL A 292 -19.74 26.74 -30.33
C VAL A 292 -20.13 28.19 -30.89
N LEU A 293 -19.55 28.60 -32.01
CA LEU A 293 -19.92 29.85 -32.66
C LEU A 293 -21.11 29.77 -33.60
N GLY A 294 -21.74 28.60 -33.71
CA GLY A 294 -22.86 28.40 -34.62
C GLY A 294 -22.52 28.18 -36.09
N LYS A 295 -21.27 27.90 -36.43
CA LYS A 295 -20.83 27.67 -37.81
C LYS A 295 -20.93 26.17 -38.28
N GLU A 296 -21.49 25.28 -37.45
CA GLU A 296 -21.72 23.85 -37.83
C GLU A 296 -23.19 23.56 -37.70
N GLU A 297 -23.88 23.48 -38.87
CA GLU A 297 -25.34 23.47 -38.87
C GLU A 297 -25.89 22.26 -38.21
N LYS A 298 -25.18 21.13 -38.28
CA LYS A 298 -25.68 19.87 -37.64
C LYS A 298 -25.77 20.10 -36.11
N TYR A 299 -24.97 21.01 -35.57
CA TYR A 299 -24.91 21.15 -34.08
C TYR A 299 -25.69 22.27 -33.51
N LEU A 300 -26.53 22.86 -34.35
CA LEU A 300 -27.25 24.05 -33.98
C LEU A 300 -28.19 23.71 -32.83
N PRO A 301 -28.67 22.44 -32.77
CA PRO A 301 -29.42 22.08 -31.58
C PRO A 301 -28.74 22.15 -30.22
N TRP A 302 -27.42 22.21 -30.16
CA TRP A 302 -26.69 22.36 -28.91
C TRP A 302 -26.56 23.81 -28.45
N LEU A 303 -27.00 24.74 -29.28
CA LEU A 303 -26.80 26.14 -29.03
C LEU A 303 -28.07 26.84 -28.66
N THR A 304 -28.15 27.43 -27.44
CA THR A 304 -29.37 28.03 -26.94
C THR A 304 -29.27 29.51 -27.07
N PRO A 305 -30.12 30.14 -27.93
CA PRO A 305 -29.95 31.58 -28.10
C PRO A 305 -30.49 32.29 -26.88
N VAL A 306 -29.77 33.31 -26.47
CA VAL A 306 -30.17 34.15 -25.33
C VAL A 306 -31.14 35.31 -25.75
N TYR A 307 -30.95 35.84 -26.96
CA TYR A 307 -31.68 37.04 -27.43
C TYR A 307 -32.53 36.79 -28.68
N SER B 12 -15.20 -49.11 13.69
CA SER B 12 -16.07 -47.92 13.53
C SER B 12 -16.41 -47.25 14.85
N MET B 13 -16.32 -45.92 14.84
CA MET B 13 -16.27 -45.11 16.03
C MET B 13 -17.68 -44.55 16.36
N LYS B 14 -17.91 -44.20 17.61
CA LYS B 14 -19.03 -43.42 17.96
C LYS B 14 -18.67 -41.94 17.79
N VAL B 15 -19.68 -41.19 17.32
CA VAL B 15 -19.53 -39.77 16.96
C VAL B 15 -20.69 -39.09 17.67
N TRP B 16 -20.46 -37.89 18.28
CA TRP B 16 -21.55 -37.20 18.94
C TRP B 16 -22.21 -36.38 17.90
N LEU B 17 -23.55 -36.32 17.93
CA LEU B 17 -24.24 -35.58 16.90
C LEU B 17 -25.45 -35.07 17.50
N ASP B 18 -25.49 -33.73 17.67
CA ASP B 18 -26.58 -33.06 18.35
C ASP B 18 -27.03 -33.71 19.65
N GLY B 19 -26.13 -34.04 20.53
CA GLY B 19 -26.54 -34.54 21.82
C GLY B 19 -26.48 -36.06 21.94
N ARG B 20 -26.33 -36.80 20.86
CA ARG B 20 -26.56 -38.29 20.82
C ARG B 20 -25.33 -38.94 20.24
N LEU B 21 -25.05 -40.15 20.67
CA LEU B 21 -23.89 -40.88 20.18
C LEU B 21 -24.29 -41.86 19.09
N VAL B 22 -23.72 -41.73 17.91
CA VAL B 22 -24.15 -42.57 16.79
C VAL B 22 -22.92 -43.15 16.17
N ASP B 23 -23.08 -44.22 15.38
CA ASP B 23 -22.01 -44.78 14.66
C ASP B 23 -21.63 -43.75 13.60
N GLU B 24 -20.36 -43.73 13.31
CA GLU B 24 -19.78 -42.76 12.38
C GLU B 24 -20.44 -42.82 11.03
N GLU B 25 -20.97 -44.00 10.66
CA GLU B 25 -21.70 -44.13 9.38
C GLU B 25 -23.01 -43.35 9.37
N GLU B 26 -23.56 -43.00 10.54
CA GLU B 26 -24.84 -42.27 10.64
C GLU B 26 -24.58 -40.76 10.83
N ALA B 27 -23.31 -40.34 10.94
CA ALA B 27 -23.00 -38.93 11.18
C ALA B 27 -22.83 -38.37 9.86
N LYS B 28 -23.94 -38.07 9.21
CA LYS B 28 -23.95 -37.58 7.83
C LYS B 28 -24.94 -36.48 7.61
N VAL B 29 -24.77 -35.73 6.53
CA VAL B 29 -25.67 -34.61 6.33
C VAL B 29 -26.17 -34.54 4.87
N THR B 30 -27.41 -34.11 4.68
CA THR B 30 -28.00 -34.01 3.39
C THR B 30 -27.09 -33.31 2.40
N VAL B 31 -26.98 -33.86 1.17
CA VAL B 31 -26.27 -33.18 0.13
C VAL B 31 -26.82 -31.83 -0.31
N LEU B 32 -28.04 -31.49 0.07
CA LEU B 32 -28.61 -30.19 -0.16
C LEU B 32 -28.38 -29.09 0.87
N SER B 33 -27.56 -29.40 1.89
CA SER B 33 -27.33 -28.51 2.99
C SER B 33 -26.62 -27.28 2.45
N PRO B 34 -27.07 -26.08 2.87
CA PRO B 34 -26.34 -24.90 2.51
C PRO B 34 -24.86 -24.88 3.01
N SER B 35 -24.57 -25.64 4.09
CA SER B 35 -23.21 -25.93 4.50
C SER B 35 -22.34 -26.61 3.56
N LEU B 36 -22.82 -27.64 2.87
CA LEU B 36 -22.01 -28.33 1.87
C LEU B 36 -21.90 -27.48 0.59
N ASN B 37 -23.01 -26.83 0.26
CA ASN B 37 -23.10 -26.24 -1.07
C ASN B 37 -22.45 -24.84 -1.10
N TYR B 38 -22.46 -24.19 0.02
CA TYR B 38 -22.09 -22.73 0.02
C TYR B 38 -21.05 -22.35 1.13
N GLY B 39 -20.37 -23.40 1.62
CA GLY B 39 -19.39 -23.30 2.72
C GLY B 39 -19.78 -22.51 3.95
N PHE B 40 -21.01 -22.68 4.40
CA PHE B 40 -21.53 -22.01 5.63
C PHE B 40 -21.61 -22.97 6.82
N GLY B 41 -20.47 -22.87 7.54
CA GLY B 41 -20.12 -23.63 8.78
C GLY B 41 -18.87 -23.21 9.45
N VAL B 42 -18.61 -23.83 10.60
CA VAL B 42 -17.43 -23.53 11.39
C VAL B 42 -16.91 -24.83 11.89
N PHE B 43 -15.65 -24.82 12.28
CA PHE B 43 -15.01 -26.04 12.78
C PHE B 43 -13.90 -25.76 13.73
N GLU B 44 -13.52 -26.86 14.42
CA GLU B 44 -12.42 -26.82 15.34
C GLU B 44 -11.48 -27.98 15.10
N GLY B 45 -10.24 -27.84 15.61
CA GLY B 45 -9.25 -28.89 15.60
C GLY B 45 -8.78 -28.92 17.05
N ILE B 46 -8.85 -30.10 17.68
CA ILE B 46 -8.45 -30.23 19.16
C ILE B 46 -7.75 -31.57 19.38
N ARG B 47 -6.68 -31.60 20.19
CA ARG B 47 -6.00 -32.80 20.39
C ARG B 47 -6.23 -33.27 21.72
N ALA B 48 -6.27 -34.61 21.82
CA ALA B 48 -5.98 -35.26 23.10
C ALA B 48 -4.67 -36.09 23.07
N TYR B 49 -3.96 -36.06 24.19
CA TYR B 49 -2.64 -36.66 24.33
C TYR B 49 -2.57 -37.77 25.42
N TRP B 50 -2.19 -38.97 25.01
CA TRP B 50 -1.96 -40.10 25.94
C TRP B 50 -0.61 -39.95 26.58
N ASN B 51 -0.60 -39.86 27.91
CA ASN B 51 0.65 -39.75 28.63
C ASN B 51 1.04 -40.96 29.45
N GLY B 52 0.28 -42.04 29.35
CA GLY B 52 0.55 -43.27 30.11
C GLY B 52 -0.37 -43.39 31.26
N GLU B 53 -0.53 -42.28 32.00
CA GLU B 53 -1.46 -42.14 33.12
C GLU B 53 -2.90 -41.89 32.69
N ASN B 54 -3.12 -40.99 31.72
CA ASN B 54 -4.51 -40.66 31.31
C ASN B 54 -4.51 -40.04 29.92
N LEU B 55 -5.71 -39.72 29.47
CA LEU B 55 -5.88 -39.12 28.18
C LEU B 55 -6.24 -37.68 28.45
N TYR B 56 -5.38 -36.74 28.01
CA TYR B 56 -5.71 -35.38 28.28
C TYR B 56 -6.06 -34.52 27.05
N VAL B 57 -7.24 -33.89 27.10
CA VAL B 57 -7.60 -33.07 26.03
C VAL B 57 -6.99 -31.70 26.26
N PHE B 58 -6.34 -31.18 25.22
CA PHE B 58 -5.61 -29.92 25.34
C PHE B 58 -6.34 -28.61 24.99
N ARG B 59 -6.51 -27.79 26.00
CA ARG B 59 -7.15 -26.47 25.84
C ARG B 59 -8.56 -26.56 25.24
N LEU B 60 -9.29 -27.53 25.78
CA LEU B 60 -10.54 -27.92 25.30
C LEU B 60 -11.59 -26.75 25.33
N ARG B 61 -11.80 -26.19 26.50
CA ARG B 61 -12.68 -25.01 26.65
C ARG B 61 -12.32 -23.85 25.71
N ASP B 62 -11.02 -23.54 25.57
CA ASP B 62 -10.62 -22.48 24.69
C ASP B 62 -11.09 -22.77 23.22
N HIS B 63 -10.98 -24.02 22.75
CA HIS B 63 -11.35 -24.35 21.42
C HIS B 63 -12.87 -24.27 21.22
N MET B 64 -13.66 -24.67 22.23
CA MET B 64 -15.02 -24.61 22.13
C MET B 64 -15.53 -23.20 22.21
N GLU B 65 -14.98 -22.33 23.07
CA GLU B 65 -15.28 -20.91 22.96
C GLU B 65 -14.97 -20.26 21.55
N ARG B 66 -13.85 -20.64 20.94
CA ARG B 66 -13.54 -20.25 19.60
C ARG B 66 -14.60 -20.77 18.59
N LEU B 67 -15.08 -22.03 18.76
CA LEU B 67 -16.15 -22.51 17.89
C LEU B 67 -17.34 -21.50 17.91
N LEU B 68 -17.67 -21.08 19.09
CA LEU B 68 -18.85 -20.26 19.27
C LEU B 68 -18.54 -18.82 18.81
N ARG B 69 -17.29 -18.34 18.92
CA ARG B 69 -16.92 -17.04 18.34
C ARG B 69 -16.97 -17.09 16.82
N SER B 70 -16.31 -18.09 16.23
CA SER B 70 -16.46 -18.43 14.79
C SER B 70 -17.94 -18.33 14.39
N ALA B 71 -18.84 -19.02 15.13
CA ALA B 71 -20.16 -19.04 14.74
C ALA B 71 -20.82 -17.62 14.82
N LYS B 72 -20.58 -16.88 15.84
CA LYS B 72 -21.23 -15.56 15.95
C LYS B 72 -20.67 -14.61 14.81
N ILE B 73 -19.42 -14.84 14.42
CA ILE B 73 -18.80 -14.03 13.43
C ILE B 73 -19.50 -14.33 12.10
N ILE B 74 -19.86 -15.57 11.80
CA ILE B 74 -20.41 -15.81 10.48
C ILE B 74 -21.95 -15.77 10.51
N GLY B 75 -22.53 -15.69 11.70
CA GLY B 75 -24.03 -15.58 11.85
C GLY B 75 -24.66 -16.97 11.84
N LEU B 76 -23.93 -17.97 12.33
CA LEU B 76 -24.46 -19.31 12.51
C LEU B 76 -24.94 -19.49 13.93
N ASP B 77 -26.10 -20.05 14.13
CA ASP B 77 -26.62 -20.23 15.48
C ASP B 77 -26.32 -21.64 15.98
N VAL B 78 -25.32 -21.77 16.86
CA VAL B 78 -24.96 -22.98 17.49
C VAL B 78 -25.70 -23.06 18.85
N PRO B 79 -26.55 -24.10 19.09
CA PRO B 79 -27.41 -24.01 20.29
C PRO B 79 -26.85 -24.77 21.47
N TYR B 80 -25.54 -24.67 21.64
CA TYR B 80 -24.85 -25.30 22.74
C TYR B 80 -23.93 -24.39 23.37
N THR B 81 -23.74 -24.53 24.67
CA THR B 81 -22.70 -23.81 25.33
C THR B 81 -21.33 -24.46 25.14
N ALA B 82 -20.29 -23.66 25.42
CA ALA B 82 -18.91 -24.13 25.48
C ALA B 82 -18.70 -25.32 26.47
N GLU B 83 -19.33 -25.18 27.64
CA GLU B 83 -19.28 -26.27 28.65
C GLU B 83 -19.95 -27.52 28.14
N GLU B 84 -21.12 -27.35 27.53
CA GLU B 84 -21.84 -28.52 26.92
C GLU B 84 -21.04 -29.17 25.85
N LEU B 85 -20.45 -28.37 24.97
CA LEU B 85 -19.55 -28.94 23.90
C LEU B 85 -18.35 -29.65 24.49
N SER B 86 -17.78 -29.09 25.58
CA SER B 86 -16.59 -29.65 26.18
C SER B 86 -16.93 -31.01 26.79
N LYS B 87 -18.07 -31.08 27.48
CA LYS B 87 -18.55 -32.37 27.97
C LYS B 87 -18.79 -33.33 26.88
N ALA B 88 -19.46 -32.90 25.81
CA ALA B 88 -19.61 -33.75 24.64
C ALA B 88 -18.33 -34.41 24.15
N VAL B 89 -17.19 -33.68 24.14
CA VAL B 89 -15.91 -34.28 23.70
C VAL B 89 -15.49 -35.39 24.69
N VAL B 90 -15.51 -35.10 25.96
CA VAL B 90 -15.20 -36.09 26.94
C VAL B 90 -16.10 -37.35 26.77
N GLU B 91 -17.42 -37.17 26.64
CA GLU B 91 -18.33 -38.33 26.45
C GLU B 91 -18.03 -39.11 25.19
N THR B 92 -17.64 -38.39 24.15
CA THR B 92 -17.31 -38.99 22.84
C THR B 92 -16.05 -39.85 22.95
N VAL B 93 -15.01 -39.34 23.59
CA VAL B 93 -13.75 -40.11 23.64
C VAL B 93 -13.98 -41.41 24.50
N ARG B 94 -14.70 -41.27 25.60
CA ARG B 94 -15.04 -42.37 26.51
C ARG B 94 -15.83 -43.49 25.89
N ALA B 95 -16.90 -43.13 25.20
CA ALA B 95 -17.72 -44.10 24.55
C ALA B 95 -16.97 -44.94 23.51
N ASN B 96 -15.88 -44.43 22.97
CA ASN B 96 -14.93 -45.24 22.12
C ASN B 96 -13.78 -45.87 22.90
N GLY B 97 -13.73 -45.64 24.22
CA GLY B 97 -12.61 -46.02 25.08
C GLY B 97 -11.22 -45.84 24.48
N PHE B 98 -11.00 -44.77 23.73
CA PHE B 98 -9.63 -44.49 23.22
C PHE B 98 -8.59 -44.25 24.34
N LYS B 99 -7.41 -44.86 24.24
CA LYS B 99 -6.32 -44.52 25.18
C LYS B 99 -5.05 -44.38 24.38
N GLU B 100 -5.06 -43.39 23.51
CA GLU B 100 -4.02 -43.08 22.61
C GLU B 100 -4.25 -41.65 22.10
N ASP B 101 -3.25 -41.12 21.42
CA ASP B 101 -3.37 -39.81 20.84
C ASP B 101 -4.54 -39.63 19.81
N LEU B 102 -5.33 -38.58 20.00
CA LEU B 102 -6.50 -38.28 19.12
C LEU B 102 -6.42 -36.88 18.51
N TYR B 103 -6.94 -36.72 17.25
CA TYR B 103 -7.48 -35.48 16.75
C TYR B 103 -9.04 -35.47 16.83
N ILE B 104 -9.58 -34.43 17.47
CA ILE B 104 -11.02 -34.24 17.65
C ILE B 104 -11.48 -33.14 16.75
N ARG B 105 -12.41 -33.45 15.85
CA ARG B 105 -13.11 -32.49 14.96
C ARG B 105 -14.59 -32.22 15.28
N PRO B 106 -14.86 -31.06 15.90
CA PRO B 106 -16.16 -30.50 15.99
C PRO B 106 -16.40 -29.76 14.70
N VAL B 107 -17.60 -29.93 14.19
CA VAL B 107 -18.06 -29.29 12.98
C VAL B 107 -19.46 -28.86 13.19
N ALA B 108 -19.72 -27.58 13.00
CA ALA B 108 -21.12 -27.04 13.14
C ALA B 108 -21.61 -26.59 11.73
N TYR B 109 -22.81 -27.00 11.38
CA TYR B 109 -23.33 -26.98 10.00
C TYR B 109 -24.88 -27.01 10.05
N ILE B 110 -25.54 -26.75 8.92
CA ILE B 110 -27.01 -26.73 8.79
C ILE B 110 -27.44 -28.11 8.25
N SER B 111 -28.22 -28.83 9.01
CA SER B 111 -28.60 -30.15 8.53
C SER B 111 -29.86 -30.04 7.71
N LYS B 112 -30.49 -28.89 7.51
CA LYS B 112 -31.64 -28.76 6.61
C LYS B 112 -31.16 -28.66 5.13
N PRO B 113 -31.87 -29.31 4.18
CA PRO B 113 -31.71 -28.93 2.75
C PRO B 113 -32.22 -27.52 2.52
N GLN B 114 -31.41 -26.67 1.98
CA GLN B 114 -31.84 -25.30 1.61
C GLN B 114 -31.04 -24.76 0.41
N ILE B 115 -31.77 -24.38 -0.64
CA ILE B 115 -31.21 -23.89 -1.84
C ILE B 115 -30.92 -22.42 -1.59
N SER B 116 -31.81 -21.70 -0.92
CA SER B 116 -31.65 -20.20 -0.75
C SER B 116 -30.46 -19.81 0.11
N LEU B 117 -29.68 -18.85 -0.35
CA LEU B 117 -28.59 -18.29 0.43
C LEU B 117 -28.97 -17.56 1.78
N ASP B 118 -30.23 -17.25 1.96
CA ASP B 118 -30.69 -16.59 3.15
C ASP B 118 -30.78 -17.59 4.31
N VAL B 119 -29.72 -17.63 5.10
CA VAL B 119 -29.56 -18.71 6.08
C VAL B 119 -30.03 -18.23 7.42
N ARG B 120 -30.58 -17.01 7.46
CA ARG B 120 -31.10 -16.48 8.68
C ARG B 120 -32.15 -17.36 9.34
N GLY B 121 -32.07 -17.49 10.65
CA GLY B 121 -33.05 -18.14 11.47
C GLY B 121 -32.76 -19.60 11.69
N LEU B 122 -31.83 -20.16 10.93
CA LEU B 122 -31.60 -21.60 10.95
C LEU B 122 -30.76 -21.92 12.16
N GLN B 123 -30.96 -23.11 12.74
CA GLN B 123 -30.11 -23.46 13.83
C GLN B 123 -29.07 -24.53 13.44
N ALA B 124 -27.81 -24.31 13.83
CA ALA B 124 -26.80 -25.31 13.53
C ALA B 124 -27.02 -26.69 14.27
N SER B 125 -26.58 -27.75 13.59
CA SER B 125 -26.15 -28.98 14.22
C SER B 125 -24.70 -28.91 14.47
N VAL B 126 -24.26 -29.74 15.42
CA VAL B 126 -22.87 -29.93 15.74
C VAL B 126 -22.58 -31.42 15.79
N ALA B 127 -21.61 -31.92 14.99
CA ALA B 127 -21.04 -33.25 15.16
C ALA B 127 -19.63 -33.11 15.78
N ILE B 128 -19.21 -34.09 16.59
CA ILE B 128 -17.89 -34.21 17.17
C ILE B 128 -17.41 -35.62 16.86
N ALA B 129 -16.38 -35.69 16.05
CA ALA B 129 -15.63 -36.91 15.85
C ALA B 129 -14.25 -36.84 16.55
N ALA B 130 -13.93 -37.94 17.23
CA ALA B 130 -12.64 -38.12 17.80
C ALA B 130 -11.87 -39.25 17.09
N ILE B 131 -10.77 -38.90 16.42
CA ILE B 131 -10.03 -39.93 15.70
C ILE B 131 -8.51 -40.05 16.10
N PRO B 132 -7.97 -41.29 16.15
CA PRO B 132 -6.55 -41.47 16.32
C PRO B 132 -5.77 -40.77 15.23
N PHE B 133 -4.53 -40.37 15.55
CA PHE B 133 -3.76 -39.37 14.75
C PHE B 133 -2.60 -39.16 15.65
N GLY B 134 -1.34 -39.24 15.23
CA GLY B 134 -0.80 -38.86 13.91
C GLY B 134 0.03 -37.54 13.98
N LYS B 135 1.17 -37.45 13.28
CA LYS B 135 1.90 -36.17 13.12
C LYS B 135 1.64 -35.56 11.67
N TYR B 136 0.95 -34.40 11.59
CA TYR B 136 0.64 -33.72 10.28
C TYR B 136 1.88 -33.27 9.55
N LEU B 137 2.93 -32.95 10.29
CA LEU B 137 4.21 -32.55 9.68
C LEU B 137 5.48 -33.25 10.25
N LYS B 138 6.47 -33.35 9.36
CA LYS B 138 7.78 -33.88 9.65
C LYS B 138 8.39 -33.13 10.88
N VAL B 139 8.35 -33.78 12.07
CA VAL B 139 9.01 -33.26 13.32
C VAL B 139 10.43 -32.63 13.13
N GLU B 140 11.25 -33.26 12.28
CA GLU B 140 12.65 -32.82 11.91
C GLU B 140 12.64 -31.55 11.06
N GLY B 141 11.54 -31.28 10.34
CA GLY B 141 11.28 -30.01 9.70
C GLY B 141 10.69 -30.19 8.31
N VAL B 142 10.07 -29.11 7.82
CA VAL B 142 9.46 -29.01 6.47
C VAL B 142 10.12 -27.99 5.51
N ARG B 143 9.96 -28.22 4.19
CA ARG B 143 10.32 -27.24 3.21
C ARG B 143 9.06 -26.49 2.76
N ALA B 144 9.15 -25.15 2.71
CA ALA B 144 7.96 -24.37 2.49
C ALA B 144 8.18 -23.49 1.30
N ALA B 145 7.08 -23.33 0.58
CA ALA B 145 7.06 -22.40 -0.49
C ALA B 145 6.14 -21.18 -0.26
N VAL B 146 6.57 -19.95 -0.53
CA VAL B 146 5.57 -18.80 -0.75
C VAL B 146 4.77 -19.03 -2.01
N VAL B 147 3.44 -19.17 -1.84
CA VAL B 147 2.53 -19.54 -2.97
C VAL B 147 1.99 -18.40 -3.68
N SER B 148 1.50 -18.68 -4.87
CA SER B 148 0.92 -17.64 -5.69
C SER B 148 -0.38 -17.10 -5.15
N TRP B 149 -1.11 -17.96 -4.45
CA TRP B 149 -2.41 -17.58 -3.96
C TRP B 149 -2.32 -16.71 -2.74
N ARG B 150 -3.06 -15.59 -2.76
CA ARG B 150 -3.20 -14.76 -1.59
C ARG B 150 -4.25 -15.22 -0.61
N ARG B 151 -3.94 -15.00 0.69
CA ARG B 151 -4.80 -15.34 1.73
C ARG B 151 -6.04 -14.53 1.61
N VAL B 152 -7.22 -15.15 1.75
CA VAL B 152 -8.43 -14.38 1.55
C VAL B 152 -8.49 -13.24 2.53
N HIS B 153 -9.14 -12.12 2.10
CA HIS B 153 -9.14 -10.87 2.81
C HIS B 153 -10.43 -10.63 3.61
N THR B 154 -10.24 -10.07 4.81
CA THR B 154 -11.25 -9.61 5.72
C THR B 154 -12.43 -8.82 5.04
N SER B 155 -12.14 -8.05 4.00
CA SER B 155 -13.17 -7.32 3.32
C SER B 155 -14.11 -8.23 2.47
N MET B 156 -13.76 -9.53 2.34
CA MET B 156 -14.47 -10.52 1.58
C MET B 156 -15.01 -11.71 2.34
N MET B 157 -14.26 -12.19 3.33
CA MET B 157 -14.70 -13.29 4.22
C MET B 157 -14.16 -12.93 5.64
N PRO B 158 -14.85 -13.33 6.69
CA PRO B 158 -14.39 -13.15 8.05
C PRO B 158 -13.38 -14.18 8.46
N VAL B 159 -12.14 -13.93 8.02
CA VAL B 159 -11.09 -14.89 8.09
C VAL B 159 -10.68 -15.26 9.57
N MET B 160 -10.96 -14.41 10.55
CA MET B 160 -10.73 -14.75 11.93
C MET B 160 -11.73 -15.83 12.38
N ALA B 161 -12.80 -16.14 11.64
CA ALA B 161 -13.63 -17.35 12.01
C ALA B 161 -12.96 -18.51 11.39
N LYS B 162 -12.96 -19.66 12.07
CA LYS B 162 -12.59 -20.96 11.45
C LYS B 162 -13.79 -21.45 10.67
N ALA B 163 -14.03 -20.80 9.56
CA ALA B 163 -15.20 -21.03 8.81
C ALA B 163 -14.92 -21.80 7.55
N THR B 164 -15.83 -22.72 7.26
CA THR B 164 -15.57 -23.84 6.37
C THR B 164 -15.25 -23.39 4.99
N GLY B 165 -16.11 -22.55 4.42
CA GLY B 165 -15.85 -22.00 3.06
C GLY B 165 -14.51 -21.33 2.71
N ILE B 166 -13.85 -20.80 3.72
CA ILE B 166 -12.58 -20.02 3.62
C ILE B 166 -11.49 -20.98 3.18
N TYR B 167 -11.62 -22.23 3.60
CA TYR B 167 -10.58 -23.24 3.36
C TYR B 167 -10.33 -23.63 1.94
N LEU B 168 -11.27 -23.32 1.04
CA LEU B 168 -11.01 -23.50 -0.35
C LEU B 168 -9.72 -22.71 -0.76
N ASN B 169 -9.54 -21.55 -0.14
CA ASN B 169 -8.30 -20.74 -0.27
C ASN B 169 -7.12 -21.52 0.23
N SER B 170 -7.20 -22.17 1.43
CA SER B 170 -6.13 -22.94 1.98
C SER B 170 -5.76 -24.11 1.12
N ILE B 171 -6.80 -24.81 0.61
CA ILE B 171 -6.60 -25.89 -0.33
C ILE B 171 -5.81 -25.47 -1.56
N MET B 172 -6.20 -24.35 -2.19
CA MET B 172 -5.44 -23.88 -3.37
C MET B 172 -3.97 -23.76 -3.03
N ALA B 173 -3.70 -23.13 -1.87
CA ALA B 173 -2.33 -23.00 -1.36
C ALA B 173 -1.50 -24.32 -1.14
N ALA B 174 -2.14 -25.23 -0.45
CA ALA B 174 -1.62 -26.47 0.01
C ALA B 174 -1.33 -27.37 -1.13
N VAL B 175 -2.23 -27.37 -2.12
CA VAL B 175 -2.05 -28.14 -3.33
C VAL B 175 -0.91 -27.51 -4.14
N GLU B 176 -0.87 -26.20 -4.23
CA GLU B 176 0.18 -25.57 -5.00
C GLU B 176 1.64 -25.88 -4.47
N ALA B 177 1.85 -25.68 -3.17
CA ALA B 177 3.07 -26.07 -2.54
C ALA B 177 3.42 -27.54 -2.80
N ARG B 178 2.49 -28.42 -2.53
CA ARG B 178 2.74 -29.89 -2.57
C ARG B 178 2.98 -30.40 -3.98
N ALA B 179 1.99 -30.22 -4.86
CA ALA B 179 2.17 -30.43 -6.29
C ALA B 179 3.58 -30.01 -6.75
N ARG B 180 4.05 -28.82 -6.37
CA ARG B 180 5.35 -28.34 -6.84
C ARG B 180 6.59 -28.87 -6.02
N GLY B 181 6.50 -29.95 -5.25
CA GLY B 181 7.63 -30.49 -4.48
C GLY B 181 7.59 -30.30 -2.93
N TYR B 182 7.00 -29.21 -2.44
CA TYR B 182 7.19 -28.76 -1.07
C TYR B 182 6.28 -29.46 -0.08
N ASP B 183 6.54 -29.33 1.19
CA ASP B 183 5.70 -29.91 2.20
C ASP B 183 4.56 -28.99 2.53
N GLU B 184 4.79 -27.67 2.50
CA GLU B 184 3.71 -26.79 2.93
C GLU B 184 3.80 -25.43 2.29
N ALA B 185 2.66 -24.72 2.25
CA ALA B 185 2.62 -23.36 1.75
C ALA B 185 2.87 -22.27 2.77
N ILE B 186 3.33 -21.10 2.29
CA ILE B 186 3.21 -19.88 3.03
C ILE B 186 2.43 -18.90 2.18
N MET B 187 1.43 -18.26 2.75
CA MET B 187 0.60 -17.38 2.02
C MET B 187 0.82 -15.96 2.55
N LEU B 188 0.88 -15.10 1.58
CA LEU B 188 0.93 -13.63 1.84
C LEU B 188 -0.55 -13.14 1.82
N ASN B 189 -0.79 -12.13 2.63
CA ASN B 189 -2.02 -11.35 2.53
C ASN B 189 -2.15 -10.43 1.28
N ALA B 190 -3.29 -9.81 1.12
CA ALA B 190 -3.51 -8.85 0.05
C ALA B 190 -2.45 -7.72 0.07
N GLU B 191 -1.91 -7.39 1.23
CA GLU B 191 -0.95 -6.35 1.26
C GLU B 191 0.46 -6.95 1.19
N GLY B 192 0.54 -8.19 0.78
CA GLY B 192 1.77 -8.96 0.63
C GLY B 192 2.67 -9.19 1.87
N LYS B 193 2.08 -9.16 3.03
CA LYS B 193 2.80 -9.54 4.22
C LYS B 193 2.49 -10.97 4.49
N VAL B 194 3.47 -11.62 5.10
CA VAL B 194 3.37 -13.02 5.44
C VAL B 194 2.29 -13.25 6.46
N VAL B 195 1.40 -14.21 6.22
CA VAL B 195 0.33 -14.38 7.20
C VAL B 195 0.14 -15.74 7.85
N GLU B 196 0.15 -16.79 7.04
CA GLU B 196 -0.10 -18.09 7.50
C GLU B 196 0.52 -19.15 6.56
N GLY B 197 0.55 -20.39 7.08
CA GLY B 197 0.50 -21.55 6.31
C GLY B 197 -0.92 -21.86 5.80
N SER B 198 -1.14 -23.04 5.23
CA SER B 198 -2.47 -23.35 4.75
C SER B 198 -3.44 -23.74 5.94
N GLY B 199 -2.96 -24.41 6.97
CA GLY B 199 -3.64 -24.56 8.29
C GLY B 199 -2.79 -24.36 9.57
N GLU B 200 -1.73 -23.53 9.47
CA GLU B 200 -0.83 -23.23 10.57
C GLU B 200 -0.49 -21.75 10.65
N ASN B 201 -0.26 -21.26 11.87
CA ASN B 201 0.33 -19.93 12.10
C ASN B 201 1.83 -20.05 11.92
N ILE B 202 2.49 -18.91 11.70
CA ILE B 202 3.90 -18.93 11.37
C ILE B 202 4.67 -18.07 12.34
N PHE B 203 5.89 -18.50 12.74
CA PHE B 203 6.82 -17.72 13.60
C PHE B 203 8.18 -17.64 12.91
N ILE B 204 8.78 -16.48 12.97
CA ILE B 204 10.20 -16.41 12.69
C ILE B 204 11.00 -15.95 13.96
N VAL B 205 12.33 -16.21 13.91
CA VAL B 205 13.23 -15.81 14.92
C VAL B 205 14.15 -14.94 14.13
N ARG B 206 14.17 -13.69 14.47
CA ARG B 206 15.18 -12.76 13.89
C ARG B 206 16.01 -12.04 15.00
N ARG B 207 17.31 -12.24 14.94
CA ARG B 207 18.28 -11.72 15.91
C ARG B 207 17.90 -12.02 17.34
N GLY B 208 17.48 -13.26 17.65
CA GLY B 208 16.99 -13.62 18.98
C GLY B 208 15.54 -13.27 19.36
N VAL B 209 14.84 -12.57 18.46
CA VAL B 209 13.46 -12.14 18.67
C VAL B 209 12.49 -13.02 17.89
N LEU B 210 11.54 -13.57 18.60
CA LEU B 210 10.42 -14.20 17.95
C LEU B 210 9.50 -13.21 17.25
N MET B 211 9.13 -13.51 15.99
CA MET B 211 8.11 -12.65 15.34
C MET B 211 7.01 -13.53 14.81
N THR B 212 5.76 -13.05 14.99
CA THR B 212 4.55 -13.68 14.41
C THR B 212 3.58 -12.62 13.90
N PRO B 213 2.97 -12.84 12.70
CA PRO B 213 2.09 -11.83 12.18
C PRO B 213 0.95 -11.43 13.16
N PRO B 214 0.63 -10.18 13.29
CA PRO B 214 -0.45 -9.86 14.24
C PRO B 214 -1.90 -10.17 13.79
N LEU B 215 -2.84 -10.03 14.72
CA LEU B 215 -4.21 -10.40 14.51
C LEU B 215 -4.71 -9.72 13.26
N GLU B 216 -4.48 -8.40 13.13
CA GLU B 216 -5.08 -7.62 12.03
C GLU B 216 -4.64 -7.97 10.62
N ASP B 217 -3.51 -8.66 10.44
CA ASP B 217 -2.99 -9.00 9.10
C ASP B 217 -3.80 -10.12 8.41
N GLY B 218 -4.81 -10.76 8.98
CA GLY B 218 -5.47 -11.80 8.22
C GLY B 218 -5.34 -13.16 8.81
N ILE B 219 -4.63 -13.34 9.93
CA ILE B 219 -4.47 -14.74 10.49
C ILE B 219 -5.76 -15.18 11.07
N LEU B 220 -5.85 -16.50 11.24
CA LEU B 220 -6.60 -17.11 12.32
C LEU B 220 -5.73 -17.07 13.62
N GLU B 221 -6.34 -16.64 14.70
CA GLU B 221 -5.75 -16.59 16.02
C GLU B 221 -5.63 -18.02 16.67
N GLY B 222 -4.49 -18.61 16.46
CA GLY B 222 -4.30 -19.97 16.80
C GLY B 222 -4.12 -20.10 18.32
N ILE B 223 -4.60 -21.22 18.82
CA ILE B 223 -4.47 -21.58 20.22
C ILE B 223 -3.05 -22.12 20.41
N THR B 224 -2.50 -22.74 19.38
CA THR B 224 -1.12 -23.19 19.46
C THR B 224 -0.22 -21.93 19.44
N ARG B 225 -0.49 -20.99 18.53
CA ARG B 225 0.08 -19.62 18.60
C ARG B 225 0.05 -19.01 20.03
N GLU B 226 -1.08 -19.09 20.72
CA GLU B 226 -1.19 -18.46 22.02
C GLU B 226 -0.34 -19.14 23.01
N THR B 227 -0.26 -20.47 22.90
CA THR B 227 0.54 -21.21 23.76
C THR B 227 2.03 -20.95 23.59
N VAL B 228 2.44 -20.74 22.36
CA VAL B 228 3.84 -20.32 22.07
C VAL B 228 4.13 -18.96 22.69
N ILE B 229 3.15 -18.05 22.73
CA ILE B 229 3.40 -16.74 23.28
C ILE B 229 3.61 -16.83 24.80
N SER B 230 2.90 -17.73 25.46
CA SER B 230 3.08 -18.06 26.91
C SER B 230 4.38 -18.73 27.15
N ILE B 231 4.74 -19.68 26.28
CA ILE B 231 6.03 -20.40 26.37
C ILE B 231 7.14 -19.37 26.22
N ALA B 232 7.08 -18.56 25.20
CA ALA B 232 8.17 -17.50 25.01
C ALA B 232 8.40 -16.62 26.28
N GLY B 233 7.33 -16.28 26.97
CA GLY B 233 7.43 -15.64 28.24
C GLY B 233 8.07 -16.41 29.40
N ASP B 234 7.72 -17.69 29.54
CA ASP B 234 8.36 -18.58 30.47
C ASP B 234 9.87 -18.67 30.22
N LEU B 235 10.27 -18.61 28.96
CA LEU B 235 11.64 -18.93 28.50
C LEU B 235 12.52 -17.65 28.32
N GLY B 236 11.97 -16.50 28.52
CA GLY B 236 12.78 -15.20 28.32
C GLY B 236 13.15 -14.90 26.91
N ILE B 237 12.32 -15.36 25.96
CA ILE B 237 12.53 -15.10 24.53
C ILE B 237 11.58 -13.98 24.16
N PRO B 238 12.13 -12.86 23.70
CA PRO B 238 11.35 -11.66 23.34
C PRO B 238 10.46 -11.96 22.13
N LEU B 239 9.22 -11.48 22.17
CA LEU B 239 8.22 -11.76 21.16
C LEU B 239 7.42 -10.48 20.70
N LEU B 240 7.19 -10.38 19.38
CA LEU B 240 6.63 -9.21 18.79
C LEU B 240 5.60 -9.74 17.84
N GLU B 241 4.35 -9.28 18.03
CA GLU B 241 3.33 -9.52 17.10
C GLU B 241 3.42 -8.46 16.09
N LYS B 242 3.95 -8.79 14.92
CA LYS B 242 4.41 -7.69 14.05
C LYS B 242 4.41 -8.18 12.64
N SER B 243 4.01 -7.37 11.62
CA SER B 243 4.02 -7.86 10.20
C SER B 243 5.39 -8.42 9.76
N ILE B 244 5.42 -9.53 9.02
CA ILE B 244 6.64 -10.15 8.51
C ILE B 244 6.59 -10.01 6.99
N THR B 245 7.70 -9.60 6.39
CA THR B 245 7.80 -9.48 4.95
C THR B 245 8.58 -10.69 4.44
N ARG B 246 8.57 -10.91 3.17
CA ARG B 246 9.09 -12.14 2.57
C ARG B 246 10.59 -12.00 2.73
N GLU B 247 11.13 -10.79 2.64
CA GLU B 247 12.60 -10.57 2.92
C GLU B 247 13.08 -10.97 4.34
N GLU B 248 12.21 -10.70 5.32
CA GLU B 248 12.46 -11.07 6.77
C GLU B 248 12.40 -12.61 6.88
N LEU B 249 11.55 -13.22 6.08
CA LEU B 249 11.52 -14.72 6.00
C LEU B 249 12.80 -15.28 5.48
N TYR B 250 13.23 -14.76 4.33
CA TYR B 250 14.44 -15.22 3.69
C TYR B 250 15.68 -15.07 4.59
N ALA B 251 15.71 -14.00 5.37
CA ALA B 251 16.87 -13.66 6.21
C ALA B 251 16.72 -14.25 7.64
N ALA B 252 15.62 -14.91 7.95
CA ALA B 252 15.35 -15.32 9.28
C ALA B 252 16.45 -16.26 9.81
N ASP B 253 16.79 -16.13 11.07
CA ASP B 253 17.70 -17.15 11.68
C ASP B 253 16.97 -18.50 11.88
N GLU B 254 15.65 -18.47 12.08
CA GLU B 254 14.89 -19.75 12.29
C GLU B 254 13.48 -19.44 11.88
N ALA B 255 12.74 -20.48 11.48
CA ALA B 255 11.29 -20.28 11.24
C ALA B 255 10.57 -21.55 11.58
N PHE B 256 9.33 -21.43 12.03
CA PHE B 256 8.53 -22.63 12.32
C PHE B 256 7.04 -22.39 12.13
N PHE B 257 6.35 -23.45 11.84
CA PHE B 257 4.88 -23.47 11.91
C PHE B 257 4.37 -23.96 13.22
N VAL B 258 3.18 -23.42 13.62
CA VAL B 258 2.43 -23.93 14.76
C VAL B 258 0.94 -24.18 14.48
N GLY B 259 0.41 -25.27 15.03
CA GLY B 259 -1.06 -25.47 15.03
C GLY B 259 -1.38 -26.75 15.69
N THR B 260 -2.68 -27.02 15.82
CA THR B 260 -3.05 -28.11 16.61
C THR B 260 -2.51 -29.40 16.03
N ALA B 261 -2.76 -29.65 14.77
CA ALA B 261 -2.23 -30.83 14.15
C ALA B 261 -0.68 -30.67 13.99
N ALA B 262 -0.30 -29.55 13.44
CA ALA B 262 1.12 -29.26 13.16
C ALA B 262 2.09 -29.37 14.43
N GLU B 263 1.56 -29.08 15.63
CA GLU B 263 2.32 -28.92 16.89
C GLU B 263 3.33 -27.78 16.65
N ILE B 264 4.64 -28.02 16.79
CA ILE B 264 5.70 -27.00 16.53
C ILE B 264 6.56 -27.66 15.52
N THR B 265 6.50 -27.17 14.29
CA THR B 265 7.19 -27.82 13.18
C THR B 265 8.20 -26.89 12.66
N PRO B 266 9.50 -27.26 12.74
CA PRO B 266 10.54 -26.44 12.16
C PRO B 266 10.36 -26.24 10.60
N ILE B 267 10.66 -25.04 10.07
CA ILE B 267 10.77 -24.87 8.64
C ILE B 267 12.25 -24.87 8.34
N ILE B 268 12.73 -25.88 7.62
CA ILE B 268 14.14 -25.92 7.21
C ILE B 268 14.43 -25.50 5.78
N GLU B 269 13.43 -25.05 5.05
CA GLU B 269 13.70 -24.38 3.78
C GLU B 269 12.52 -23.50 3.37
N ILE B 270 12.82 -22.31 2.91
CA ILE B 270 11.84 -21.36 2.36
C ILE B 270 12.36 -21.01 0.97
N ASP B 271 11.52 -21.29 -0.03
CA ASP B 271 11.83 -21.03 -1.44
C ASP B 271 13.30 -21.41 -1.77
N GLY B 272 13.68 -22.65 -1.44
CA GLY B 272 15.04 -23.16 -1.72
C GLY B 272 16.18 -22.67 -0.82
N ARG B 273 15.93 -21.64 -0.03
CA ARG B 273 16.87 -21.07 0.93
C ARG B 273 16.81 -21.81 2.27
N VAL B 274 17.99 -22.26 2.75
CA VAL B 274 18.06 -23.30 3.79
C VAL B 274 18.05 -22.63 5.15
N LEU B 275 17.27 -23.18 6.08
CA LEU B 275 17.26 -22.79 7.45
C LEU B 275 17.66 -23.89 8.37
N GLN B 276 18.38 -23.47 9.41
CA GLN B 276 18.79 -24.39 10.42
C GLN B 276 17.54 -24.76 11.15
N ARG B 277 17.50 -25.98 11.61
CA ARG B 277 16.60 -26.39 12.65
C ARG B 277 17.07 -25.79 14.02
N GLY B 278 16.58 -24.64 14.42
CA GLY B 278 17.31 -23.84 15.37
C GLY B 278 17.04 -24.05 16.84
N PRO B 279 17.79 -23.32 17.71
CA PRO B 279 17.72 -23.67 19.13
C PRO B 279 16.44 -23.17 19.83
N ILE B 280 15.95 -22.02 19.41
CA ILE B 280 14.70 -21.52 19.96
C ILE B 280 13.54 -22.40 19.62
N THR B 281 13.41 -22.76 18.35
CA THR B 281 12.38 -23.69 17.85
C THR B 281 12.35 -24.97 18.66
N GLN B 282 13.51 -25.55 18.88
CA GLN B 282 13.68 -26.77 19.65
C GLN B 282 13.32 -26.56 21.12
N LYS B 283 13.82 -25.49 21.73
CA LYS B 283 13.37 -25.20 23.09
C LYS B 283 11.80 -25.13 23.20
N ILE B 284 11.14 -24.42 22.26
CA ILE B 284 9.69 -24.14 22.32
C ILE B 284 8.96 -25.47 22.07
N ALA B 285 9.41 -26.23 21.08
CA ALA B 285 8.90 -27.60 20.77
C ALA B 285 9.01 -28.51 21.95
N GLU B 286 10.19 -28.52 22.57
CA GLU B 286 10.39 -29.34 23.74
C GLU B 286 9.42 -28.95 24.85
N THR B 287 9.26 -27.66 25.15
CA THR B 287 8.39 -27.24 26.30
C THR B 287 6.92 -27.59 26.05
N TYR B 288 6.51 -27.46 24.80
CA TYR B 288 5.15 -27.69 24.36
C TYR B 288 4.79 -29.09 24.59
N ARG B 289 5.69 -29.99 24.23
CA ARG B 289 5.51 -31.42 24.52
C ARG B 289 5.40 -31.63 26.08
N ARG B 290 6.22 -30.98 26.89
CA ARG B 290 6.14 -31.16 28.37
C ARG B 290 4.74 -30.74 28.79
N ILE B 291 4.30 -29.59 28.23
CA ILE B 291 3.05 -28.96 28.61
C ILE B 291 1.87 -29.91 28.32
N VAL B 292 1.79 -30.39 27.06
CA VAL B 292 0.70 -31.27 26.63
C VAL B 292 0.65 -32.67 27.30
N LEU B 293 1.82 -33.09 27.74
CA LEU B 293 1.94 -34.37 28.44
C LEU B 293 1.78 -34.25 29.95
N GLY B 294 1.45 -33.07 30.44
CA GLY B 294 1.12 -32.90 31.86
C GLY B 294 2.34 -32.82 32.76
N LYS B 295 3.45 -32.30 32.26
CA LYS B 295 4.70 -32.21 33.04
C LYS B 295 5.01 -30.79 33.54
N GLU B 296 4.10 -29.83 33.34
CA GLU B 296 4.32 -28.49 33.84
C GLU B 296 3.14 -28.05 34.59
N GLU B 297 3.36 -27.99 35.91
CA GLU B 297 2.31 -27.79 36.86
C GLU B 297 1.42 -26.63 36.51
N LYS B 298 2.06 -25.50 36.20
CA LYS B 298 1.39 -24.28 35.86
C LYS B 298 0.33 -24.44 34.77
N TYR B 299 0.47 -25.42 33.85
CA TYR B 299 -0.43 -25.59 32.69
C TYR B 299 -1.48 -26.69 32.82
N LEU B 300 -1.57 -27.28 34.00
CA LEU B 300 -2.42 -28.41 34.21
C LEU B 300 -3.93 -28.01 34.13
N PRO B 301 -4.31 -26.79 34.49
CA PRO B 301 -5.66 -26.37 34.10
C PRO B 301 -5.91 -26.39 32.55
N TRP B 302 -4.89 -26.47 31.68
CA TRP B 302 -5.19 -26.66 30.23
C TRP B 302 -5.56 -28.05 29.81
N LEU B 303 -5.47 -29.00 30.71
CA LEU B 303 -5.59 -30.42 30.33
C LEU B 303 -6.88 -30.97 30.90
N THR B 304 -7.78 -31.51 30.08
CA THR B 304 -8.98 -32.11 30.64
C THR B 304 -8.76 -33.62 30.69
N PRO B 305 -8.83 -34.20 31.91
CA PRO B 305 -8.53 -35.62 31.88
C PRO B 305 -9.79 -36.34 31.34
N VAL B 306 -9.65 -37.38 30.50
CA VAL B 306 -10.89 -38.09 30.03
C VAL B 306 -11.45 -39.09 31.07
N TYR B 307 -10.56 -39.84 31.73
CA TYR B 307 -10.93 -40.82 32.73
C TYR B 307 -10.52 -40.32 34.12
N MET C 13 41.91 6.23 -7.22
CA MET C 13 42.39 5.70 -8.54
C MET C 13 42.71 4.15 -8.48
N LYS C 14 43.13 3.58 -7.37
CA LYS C 14 43.00 2.14 -7.18
C LYS C 14 41.57 1.73 -6.61
N VAL C 15 41.06 0.65 -7.15
CA VAL C 15 39.77 0.07 -6.83
C VAL C 15 40.02 -1.42 -6.62
N TRP C 16 39.40 -2.00 -5.60
CA TRP C 16 39.45 -3.43 -5.38
C TRP C 16 38.38 -4.11 -6.17
N LEU C 17 38.77 -5.24 -6.71
CA LEU C 17 37.95 -6.02 -7.65
C LEU C 17 38.35 -7.44 -7.56
N ASP C 18 37.52 -8.22 -6.91
CA ASP C 18 37.76 -9.66 -6.84
C ASP C 18 39.12 -10.03 -6.27
N GLY C 19 39.50 -9.31 -5.21
CA GLY C 19 40.73 -9.62 -4.49
C GLY C 19 41.99 -8.89 -4.92
N ARG C 20 41.92 -8.09 -5.97
CA ARG C 20 43.06 -7.33 -6.53
C ARG C 20 42.76 -5.85 -6.52
N LEU C 21 43.75 -5.02 -6.21
CA LEU C 21 43.69 -3.58 -6.50
C LEU C 21 44.11 -3.33 -7.99
N VAL C 22 43.22 -2.66 -8.72
CA VAL C 22 43.42 -2.42 -10.16
C VAL C 22 43.18 -0.98 -10.31
N ASP C 23 43.73 -0.35 -11.32
CA ASP C 23 43.37 1.07 -11.56
C ASP C 23 41.91 1.25 -11.98
N GLU C 24 41.42 2.43 -11.62
CA GLU C 24 40.04 2.85 -11.85
C GLU C 24 39.50 2.41 -13.19
N GLU C 25 40.35 2.60 -14.17
CA GLU C 25 40.02 2.34 -15.56
C GLU C 25 39.85 0.82 -15.93
N GLU C 26 40.33 -0.10 -15.10
CA GLU C 26 40.14 -1.57 -15.32
C GLU C 26 38.97 -2.19 -14.55
N ALA C 27 38.41 -1.41 -13.63
CA ALA C 27 37.20 -1.76 -12.86
C ALA C 27 35.91 -1.46 -13.63
N LYS C 28 35.65 -2.38 -14.52
CA LYS C 28 34.68 -2.30 -15.54
C LYS C 28 34.05 -3.66 -15.72
N VAL C 29 32.84 -3.74 -16.27
CA VAL C 29 32.07 -5.00 -16.43
C VAL C 29 31.60 -4.94 -17.85
N THR C 30 31.58 -6.09 -18.52
CA THR C 30 30.96 -6.29 -19.86
C THR C 30 29.58 -5.72 -19.87
N VAL C 31 29.24 -5.10 -20.97
CA VAL C 31 27.91 -4.49 -21.21
C VAL C 31 26.81 -5.49 -21.40
N LEU C 32 27.15 -6.75 -21.56
CA LEU C 32 26.18 -7.84 -21.63
C LEU C 32 25.92 -8.54 -20.33
N SER C 33 26.51 -8.01 -19.28
CA SER C 33 26.22 -8.56 -17.93
C SER C 33 24.76 -8.44 -17.56
N PRO C 34 24.19 -9.52 -17.05
CA PRO C 34 22.83 -9.46 -16.56
C PRO C 34 22.64 -8.54 -15.39
N SER C 35 23.69 -8.09 -14.73
CA SER C 35 23.58 -7.05 -13.76
C SER C 35 23.33 -5.74 -14.32
N LEU C 36 24.02 -5.46 -15.41
CA LEU C 36 23.71 -4.21 -16.14
C LEU C 36 22.39 -4.20 -16.87
N ASN C 37 22.10 -5.34 -17.48
CA ASN C 37 20.98 -5.50 -18.32
C ASN C 37 19.67 -5.78 -17.57
N TYR C 38 19.76 -6.37 -16.37
CA TYR C 38 18.57 -6.77 -15.57
C TYR C 38 18.43 -6.32 -14.09
N GLY C 39 19.30 -5.37 -13.68
CA GLY C 39 19.28 -4.80 -12.35
C GLY C 39 19.52 -5.88 -11.35
N PHE C 40 20.39 -6.85 -11.66
CA PHE C 40 20.56 -7.94 -10.77
C PHE C 40 21.92 -7.76 -10.08
N GLY C 41 21.93 -6.98 -9.02
CA GLY C 41 23.12 -6.84 -8.13
C GLY C 41 22.74 -6.30 -6.74
N VAL C 42 23.73 -6.14 -5.88
CA VAL C 42 23.59 -5.47 -4.59
C VAL C 42 24.67 -4.42 -4.38
N PHE C 43 24.43 -3.44 -3.53
CA PHE C 43 25.48 -2.42 -3.27
C PHE C 43 25.33 -1.88 -1.87
N GLU C 44 26.32 -1.09 -1.46
CA GLU C 44 26.39 -0.56 -0.13
C GLU C 44 26.98 0.79 -0.28
N GLY C 45 26.94 1.56 0.77
CA GLY C 45 27.48 2.99 0.82
C GLY C 45 28.01 3.09 2.25
N ILE C 46 29.26 3.48 2.41
CA ILE C 46 29.98 3.43 3.64
C ILE C 46 30.80 4.70 3.71
N ARG C 47 30.76 5.36 4.85
CA ARG C 47 31.63 6.50 4.96
C ARG C 47 32.83 6.27 5.74
N ALA C 48 33.87 7.04 5.40
CA ALA C 48 35.03 7.14 6.23
C ALA C 48 35.23 8.60 6.57
N TYR C 49 35.45 8.92 7.82
CA TYR C 49 35.68 10.34 8.25
C TYR C 49 37.17 10.66 8.67
N TRP C 50 37.72 11.74 8.14
CA TRP C 50 39.05 12.21 8.57
C TRP C 50 38.84 13.18 9.71
N ASN C 51 39.37 12.89 10.86
CA ASN C 51 39.29 13.80 12.03
C ASN C 51 40.52 14.64 12.39
N GLY C 52 41.49 14.72 11.48
CA GLY C 52 42.86 15.25 11.78
C GLY C 52 43.84 14.25 12.38
N GLU C 53 43.39 13.24 13.13
CA GLU C 53 44.28 12.26 13.79
C GLU C 53 44.23 10.92 13.06
N ASN C 54 43.06 10.46 12.64
CA ASN C 54 43.01 9.27 11.77
C ASN C 54 41.84 9.41 10.81
N LEU C 55 41.70 8.35 10.05
CA LEU C 55 40.59 8.17 9.12
C LEU C 55 39.83 7.00 9.66
N TYR C 56 38.57 7.23 10.03
CA TYR C 56 37.74 6.11 10.52
C TYR C 56 36.52 5.78 9.67
N VAL C 57 36.37 4.49 9.42
CA VAL C 57 35.31 3.97 8.62
C VAL C 57 34.17 3.76 9.61
N PHE C 58 33.01 4.30 9.26
CA PHE C 58 31.86 4.16 10.09
C PHE C 58 31.05 2.84 9.85
N ARG C 59 30.93 2.03 10.88
CA ARG C 59 30.12 0.81 10.90
C ARG C 59 30.35 -0.03 9.68
N LEU C 60 31.64 -0.30 9.43
CA LEU C 60 32.08 -1.12 8.38
C LEU C 60 31.51 -2.51 8.38
N ARG C 61 31.71 -3.29 9.40
CA ARG C 61 31.18 -4.63 9.44
C ARG C 61 29.68 -4.69 9.22
N ASP C 62 28.95 -3.73 9.76
CA ASP C 62 27.49 -3.80 9.74
C ASP C 62 27.06 -3.67 8.27
N HIS C 63 27.68 -2.78 7.56
CA HIS C 63 27.46 -2.61 6.11
C HIS C 63 27.81 -3.82 5.32
N MET C 64 28.96 -4.46 5.60
CA MET C 64 29.32 -5.63 4.81
C MET C 64 28.44 -6.75 5.15
N GLU C 65 28.09 -6.91 6.42
CA GLU C 65 27.01 -7.86 6.79
C GLU C 65 25.69 -7.60 6.03
N ARG C 66 25.28 -6.36 5.85
CA ARG C 66 24.04 -6.14 5.10
C ARG C 66 24.23 -6.40 3.59
N LEU C 67 25.47 -6.18 3.06
CA LEU C 67 25.73 -6.47 1.67
C LEU C 67 25.38 -7.92 1.37
N LEU C 68 25.86 -8.77 2.23
CA LEU C 68 25.69 -10.23 2.11
C LEU C 68 24.22 -10.64 2.36
N ARG C 69 23.54 -9.89 3.22
CA ARG C 69 22.09 -10.13 3.53
C ARG C 69 21.29 -9.77 2.30
N SER C 70 21.51 -8.57 1.75
CA SER C 70 21.00 -8.22 0.44
C SER C 70 21.26 -9.34 -0.64
N ALA C 71 22.45 -9.87 -0.77
CA ALA C 71 22.66 -10.86 -1.80
C ALA C 71 21.79 -12.14 -1.55
N LYS C 72 21.81 -12.60 -0.34
CA LYS C 72 21.07 -13.76 0.10
C LYS C 72 19.60 -13.53 -0.19
N ILE C 73 19.16 -12.31 0.06
CA ILE C 73 17.74 -12.04 -0.20
C ILE C 73 17.42 -12.18 -1.74
N ILE C 74 18.27 -11.69 -2.64
CA ILE C 74 17.95 -11.73 -4.09
C ILE C 74 18.55 -12.93 -4.77
N GLY C 75 19.24 -13.75 -3.98
CA GLY C 75 19.81 -15.04 -4.49
C GLY C 75 21.04 -14.90 -5.33
N LEU C 76 21.81 -13.87 -5.01
CA LEU C 76 23.10 -13.62 -5.59
C LEU C 76 24.13 -14.27 -4.71
N ASP C 77 24.95 -15.19 -5.19
CA ASP C 77 26.14 -15.73 -4.46
C ASP C 77 27.41 -14.85 -4.47
N VAL C 78 27.70 -14.28 -3.32
CA VAL C 78 28.86 -13.42 -3.15
C VAL C 78 29.93 -14.33 -2.44
N PRO C 79 31.04 -14.63 -3.13
CA PRO C 79 31.91 -15.59 -2.51
C PRO C 79 32.95 -14.97 -1.50
N TYR C 80 32.66 -13.86 -0.84
CA TYR C 80 33.48 -13.26 0.24
C TYR C 80 32.71 -13.18 1.55
N THR C 81 33.44 -13.20 2.65
CA THR C 81 32.88 -13.02 3.97
C THR C 81 32.88 -11.54 4.29
N ALA C 82 32.08 -11.16 5.28
CA ALA C 82 32.06 -9.73 5.68
C ALA C 82 33.37 -9.18 6.13
N GLU C 83 34.21 -10.06 6.73
CA GLU C 83 35.53 -9.75 7.25
C GLU C 83 36.50 -9.52 6.11
N GLU C 84 36.53 -10.41 5.12
CA GLU C 84 37.38 -10.18 3.96
C GLU C 84 36.95 -8.90 3.17
N LEU C 85 35.64 -8.61 3.05
CA LEU C 85 35.22 -7.31 2.43
C LEU C 85 35.59 -6.07 3.29
N SER C 86 35.43 -6.23 4.62
CA SER C 86 35.85 -5.23 5.50
C SER C 86 37.38 -4.91 5.35
N LYS C 87 38.18 -5.96 5.36
CA LYS C 87 39.65 -5.87 5.13
C LYS C 87 39.93 -5.23 3.79
N ALA C 88 39.17 -5.59 2.77
CA ALA C 88 39.42 -5.02 1.47
C ALA C 88 39.20 -3.51 1.41
N VAL C 89 38.16 -3.06 2.08
CA VAL C 89 37.95 -1.58 2.21
C VAL C 89 39.16 -0.91 2.76
N VAL C 90 39.62 -1.32 3.93
CA VAL C 90 40.76 -0.68 4.55
C VAL C 90 41.98 -0.78 3.62
N GLU C 91 42.10 -1.89 2.93
CA GLU C 91 43.24 -2.02 2.04
C GLU C 91 43.06 -1.13 0.83
N THR C 92 41.81 -0.92 0.40
CA THR C 92 41.61 -0.05 -0.72
C THR C 92 41.94 1.44 -0.37
N VAL C 93 41.55 1.89 0.82
CA VAL C 93 41.86 3.24 1.28
C VAL C 93 43.37 3.44 1.48
N ARG C 94 44.04 2.51 2.15
CA ARG C 94 45.51 2.58 2.31
C ARG C 94 46.21 2.65 0.97
N ALA C 95 45.81 1.80 0.01
CA ALA C 95 46.47 1.83 -1.33
C ALA C 95 46.50 3.18 -1.98
N ASN C 96 45.46 3.96 -1.71
CA ASN C 96 45.29 5.26 -2.29
C ASN C 96 45.84 6.34 -1.38
N GLY C 97 46.30 6.01 -0.19
CA GLY C 97 46.74 6.99 0.79
C GLY C 97 45.77 8.06 1.16
N PHE C 98 44.50 7.78 1.22
CA PHE C 98 43.53 8.84 1.43
C PHE C 98 43.59 9.25 2.90
N LYS C 99 43.65 10.54 3.17
CA LYS C 99 43.52 11.07 4.53
C LYS C 99 42.51 12.20 4.45
N GLU C 100 41.25 11.82 4.14
CA GLU C 100 40.14 12.81 3.91
C GLU C 100 38.79 12.14 3.91
N ASP C 101 37.70 12.87 4.02
CA ASP C 101 36.36 12.26 3.91
C ASP C 101 36.13 11.52 2.60
N LEU C 102 35.60 10.31 2.73
CA LEU C 102 35.34 9.38 1.59
C LEU C 102 33.91 8.85 1.64
N TYR C 103 33.29 8.59 0.50
CA TYR C 103 32.19 7.61 0.39
C TYR C 103 32.76 6.32 -0.21
N ILE C 104 32.32 5.21 0.27
CA ILE C 104 32.84 3.89 -0.19
C ILE C 104 31.70 3.13 -0.80
N ARG C 105 31.83 2.79 -2.06
CA ARG C 105 30.89 1.96 -2.76
C ARG C 105 31.31 0.52 -3.06
N PRO C 106 30.88 -0.42 -2.24
CA PRO C 106 30.92 -1.82 -2.65
C PRO C 106 29.72 -2.12 -3.55
N VAL C 107 30.01 -2.77 -4.67
CA VAL C 107 28.97 -3.28 -5.50
C VAL C 107 29.29 -4.72 -5.92
N ALA C 108 28.30 -5.59 -5.83
CA ALA C 108 28.33 -7.01 -6.21
C ALA C 108 27.41 -7.24 -7.41
N TYR C 109 27.93 -7.96 -8.40
CA TYR C 109 27.41 -7.97 -9.77
C TYR C 109 27.89 -9.18 -10.46
N ILE C 110 27.26 -9.57 -11.58
CA ILE C 110 27.79 -10.70 -12.34
C ILE C 110 28.78 -10.26 -13.43
N SER C 111 29.98 -10.85 -13.42
CA SER C 111 31.10 -10.53 -14.37
C SER C 111 30.90 -11.11 -15.79
N LYS C 112 30.16 -12.20 -15.90
CA LYS C 112 29.95 -12.85 -17.17
C LYS C 112 28.92 -12.19 -18.09
N PRO C 113 29.19 -12.16 -19.41
CA PRO C 113 28.12 -11.87 -20.37
C PRO C 113 27.00 -12.89 -20.27
N GLN C 114 25.75 -12.47 -20.08
CA GLN C 114 24.59 -13.43 -20.16
C GLN C 114 23.19 -12.73 -20.43
N ILE C 115 22.53 -13.14 -21.53
CA ILE C 115 21.22 -12.68 -22.03
C ILE C 115 20.13 -13.41 -21.29
N SER C 116 20.26 -14.74 -21.04
CA SER C 116 19.27 -15.47 -20.16
C SER C 116 18.96 -14.89 -18.81
N LEU C 117 17.69 -14.82 -18.43
CA LEU C 117 17.32 -14.35 -17.09
C LEU C 117 17.61 -15.41 -15.99
N ASP C 118 18.06 -16.61 -16.39
CA ASP C 118 18.30 -17.66 -15.43
C ASP C 118 19.74 -17.44 -14.94
N VAL C 119 19.81 -16.79 -13.80
CA VAL C 119 21.06 -16.50 -13.13
C VAL C 119 21.47 -17.55 -12.07
N ARG C 120 20.79 -18.71 -11.99
CA ARG C 120 21.17 -19.68 -10.90
C ARG C 120 22.62 -20.14 -11.10
N GLY C 121 23.38 -20.20 -9.98
CA GLY C 121 24.76 -20.71 -9.88
C GLY C 121 25.80 -19.74 -10.36
N LEU C 122 25.47 -18.47 -10.58
CA LEU C 122 26.43 -17.62 -11.31
C LEU C 122 27.77 -17.07 -10.64
N GLN C 123 27.77 -16.76 -9.37
CA GLN C 123 28.94 -16.20 -8.61
C GLN C 123 29.31 -14.74 -8.98
N ALA C 124 29.03 -13.87 -8.02
CA ALA C 124 29.22 -12.44 -8.16
C ALA C 124 30.71 -12.12 -8.09
N SER C 125 31.07 -11.10 -8.82
CA SER C 125 32.21 -10.28 -8.49
C SER C 125 31.81 -9.18 -7.51
N VAL C 126 32.80 -8.70 -6.78
CA VAL C 126 32.62 -7.52 -5.95
C VAL C 126 33.67 -6.55 -6.26
N ALA C 127 33.29 -5.30 -6.45
CA ALA C 127 34.28 -4.17 -6.48
C ALA C 127 34.03 -3.15 -5.40
N ILE C 128 35.13 -2.58 -4.93
CA ILE C 128 35.13 -1.65 -3.85
C ILE C 128 35.90 -0.39 -4.26
N ALA C 129 35.14 0.66 -4.49
CA ALA C 129 35.69 1.99 -4.80
C ALA C 129 35.60 2.91 -3.61
N ALA C 130 36.66 3.66 -3.31
CA ALA C 130 36.58 4.69 -2.27
C ALA C 130 36.83 6.03 -2.89
N ILE C 131 35.93 7.00 -2.71
CA ILE C 131 36.08 8.26 -3.45
C ILE C 131 35.95 9.48 -2.53
N PRO C 132 36.63 10.58 -2.83
CA PRO C 132 36.50 11.74 -1.95
C PRO C 132 35.10 12.24 -1.97
N PHE C 133 34.52 12.59 -0.83
CA PHE C 133 33.09 12.96 -0.82
C PHE C 133 32.79 13.95 0.27
N GLY C 134 32.24 15.10 -0.11
CA GLY C 134 31.53 16.10 0.75
C GLY C 134 30.09 15.78 1.18
N LYS C 135 29.15 16.71 0.99
CA LYS C 135 27.75 16.60 1.48
C LYS C 135 26.75 16.20 0.36
N TYR C 136 25.79 15.31 0.67
CA TYR C 136 24.75 14.91 -0.32
C TYR C 136 23.62 15.92 -0.39
N LEU C 137 23.18 16.33 0.80
CA LEU C 137 22.09 17.25 1.04
C LEU C 137 22.55 18.50 1.82
N LYS C 138 21.81 19.61 1.65
CA LYS C 138 22.27 20.88 2.24
C LYS C 138 22.17 20.75 3.75
N VAL C 139 23.30 20.98 4.46
CA VAL C 139 23.38 20.68 5.89
C VAL C 139 22.38 21.49 6.70
N GLU C 140 22.07 22.75 6.27
CA GLU C 140 21.09 23.59 7.07
C GLU C 140 19.58 23.24 6.81
N GLY C 141 19.29 22.35 5.85
CA GLY C 141 17.91 21.78 5.71
C GLY C 141 17.51 21.73 4.26
N VAL C 142 16.71 20.76 3.90
CA VAL C 142 16.19 20.66 2.53
C VAL C 142 14.63 20.91 2.46
N ARG C 143 14.24 21.27 1.28
CA ARG C 143 12.90 21.36 0.80
C ARG C 143 12.58 20.05 0.07
N ALA C 144 11.56 19.41 0.56
CA ALA C 144 11.12 18.13 0.09
C ALA C 144 9.74 18.20 -0.48
N ALA C 145 9.43 17.23 -1.33
CA ALA C 145 8.15 17.09 -1.92
C ALA C 145 7.73 15.65 -2.01
N VAL C 146 6.49 15.39 -1.63
CA VAL C 146 5.93 14.08 -1.91
C VAL C 146 5.84 13.90 -3.47
N VAL C 147 6.37 12.80 -4.00
CA VAL C 147 6.30 12.57 -5.48
C VAL C 147 5.14 11.71 -5.87
N SER C 148 4.89 11.63 -7.20
CA SER C 148 3.86 10.87 -7.82
C SER C 148 4.14 9.38 -7.85
N TRP C 149 5.39 8.99 -7.65
CA TRP C 149 5.86 7.66 -7.72
C TRP C 149 5.79 7.04 -6.36
N ARG C 150 5.34 5.79 -6.32
CA ARG C 150 5.32 5.11 -5.10
C ARG C 150 6.46 4.14 -5.05
N ARG C 151 6.94 3.90 -3.84
CA ARG C 151 7.94 2.96 -3.54
C ARG C 151 7.58 1.58 -4.01
N VAL C 152 8.53 0.95 -4.67
CA VAL C 152 8.26 -0.41 -5.19
C VAL C 152 7.86 -1.33 -4.03
N HIS C 153 6.92 -2.21 -4.27
CA HIS C 153 6.31 -2.89 -3.16
C HIS C 153 6.99 -4.29 -2.94
N THR C 154 7.05 -4.70 -1.69
CA THR C 154 7.53 -6.03 -1.29
C THR C 154 6.96 -7.26 -2.12
N SER C 155 5.69 -7.18 -2.54
CA SER C 155 5.14 -8.16 -3.48
C SER C 155 5.71 -8.23 -4.88
N MET C 156 6.51 -7.23 -5.32
CA MET C 156 7.13 -7.20 -6.62
C MET C 156 8.68 -7.23 -6.64
N MET C 157 9.28 -6.58 -5.65
CA MET C 157 10.71 -6.57 -5.48
C MET C 157 11.12 -6.66 -3.97
N PRO C 158 12.16 -7.43 -3.66
CA PRO C 158 12.61 -7.53 -2.24
C PRO C 158 13.38 -6.27 -1.69
N VAL C 159 12.60 -5.27 -1.36
CA VAL C 159 13.00 -3.93 -1.06
C VAL C 159 13.88 -3.75 0.23
N MET C 160 13.82 -4.71 1.13
CA MET C 160 14.75 -4.75 2.22
C MET C 160 16.17 -5.11 1.76
N ALA C 161 16.38 -5.53 0.52
CA ALA C 161 17.74 -5.67 -0.03
C ALA C 161 18.15 -4.43 -0.71
N LYS C 162 19.39 -4.05 -0.57
CA LYS C 162 19.87 -2.85 -1.29
C LYS C 162 20.29 -3.33 -2.66
N ALA C 163 19.27 -3.76 -3.44
CA ALA C 163 19.45 -4.36 -4.77
C ALA C 163 19.29 -3.32 -5.89
N THR C 164 20.18 -3.43 -6.86
CA THR C 164 20.50 -2.36 -7.80
C THR C 164 19.32 -2.04 -8.71
N GLY C 165 18.61 -3.06 -9.15
CA GLY C 165 17.50 -2.76 -10.06
C GLY C 165 16.35 -1.96 -9.43
N ILE C 166 16.23 -2.04 -8.10
CA ILE C 166 15.12 -1.34 -7.38
C ILE C 166 15.15 0.18 -7.55
N TYR C 167 16.37 0.72 -7.70
CA TYR C 167 16.70 2.13 -7.61
C TYR C 167 16.31 2.89 -8.84
N LEU C 168 15.84 2.16 -9.88
CA LEU C 168 15.04 2.86 -10.88
C LEU C 168 13.85 3.65 -10.31
N ASN C 169 13.19 3.04 -9.36
CA ASN C 169 12.06 3.64 -8.63
C ASN C 169 12.56 4.90 -7.92
N SER C 170 13.70 4.71 -7.21
CA SER C 170 14.30 5.78 -6.48
C SER C 170 14.69 6.87 -7.39
N ILE C 171 15.33 6.52 -8.54
CA ILE C 171 15.64 7.53 -9.58
C ILE C 171 14.41 8.33 -10.06
N MET C 172 13.33 7.68 -10.48
CA MET C 172 12.13 8.43 -10.84
C MET C 172 11.69 9.46 -9.78
N ALA C 173 11.81 9.09 -8.49
CA ALA C 173 11.48 10.02 -7.41
C ALA C 173 12.42 11.22 -7.29
N ALA C 174 13.72 10.93 -7.27
CA ALA C 174 14.80 11.91 -7.09
C ALA C 174 14.81 12.94 -8.15
N VAL C 175 14.55 12.49 -9.38
CA VAL C 175 14.50 13.30 -10.57
C VAL C 175 13.22 14.12 -10.56
N GLU C 176 12.12 13.53 -10.14
CA GLU C 176 10.86 14.28 -10.19
C GLU C 176 11.02 15.40 -9.22
N ALA C 177 11.52 15.15 -8.01
CA ALA C 177 11.51 16.20 -6.99
C ALA C 177 12.39 17.39 -7.45
N ARG C 178 13.54 16.98 -7.93
CA ARG C 178 14.59 17.86 -8.43
C ARG C 178 14.19 18.67 -9.69
N ALA C 179 13.59 18.04 -10.69
CA ALA C 179 13.08 18.79 -11.83
C ALA C 179 11.99 19.80 -11.41
N ARG C 180 11.24 19.50 -10.36
CA ARG C 180 10.19 20.35 -9.86
C ARG C 180 10.66 21.48 -8.91
N GLY C 181 12.00 21.60 -8.71
CA GLY C 181 12.59 22.70 -7.95
C GLY C 181 12.69 22.44 -6.43
N TYR C 182 12.74 21.19 -6.03
CA TYR C 182 12.94 20.82 -4.59
C TYR C 182 14.25 20.15 -4.49
N ASP C 183 14.72 19.96 -3.28
CA ASP C 183 15.94 19.21 -3.00
C ASP C 183 15.70 17.71 -2.91
N GLU C 184 14.58 17.21 -2.41
CA GLU C 184 14.57 15.67 -2.35
C GLU C 184 13.15 15.22 -2.34
N ALA C 185 12.96 13.97 -2.73
CA ALA C 185 11.67 13.31 -2.76
C ALA C 185 11.33 12.70 -1.40
N ILE C 186 10.03 12.57 -1.18
CA ILE C 186 9.40 11.71 -0.28
C ILE C 186 8.46 10.78 -1.03
N MET C 187 8.62 9.49 -0.77
CA MET C 187 7.83 8.45 -1.38
C MET C 187 6.92 7.83 -0.40
N LEU C 188 5.73 7.61 -0.89
CA LEU C 188 4.67 6.95 -0.16
C LEU C 188 4.71 5.55 -0.65
N ASN C 189 4.37 4.59 0.20
CA ASN C 189 4.25 3.19 -0.22
C ASN C 189 2.88 2.89 -0.96
N ALA C 190 2.63 1.63 -1.39
CA ALA C 190 1.43 1.23 -2.12
C ALA C 190 0.17 1.62 -1.26
N GLU C 191 0.25 1.57 0.08
CA GLU C 191 -0.88 1.83 0.99
C GLU C 191 -1.00 3.31 1.36
N GLY C 192 -0.12 4.07 0.78
CA GLY C 192 -0.07 5.51 0.99
C GLY C 192 0.63 6.19 2.22
N LYS C 193 1.42 5.42 2.93
CA LYS C 193 2.12 5.75 4.12
C LYS C 193 3.47 6.26 3.65
N VAL C 194 3.92 7.36 4.22
CA VAL C 194 5.29 7.84 4.04
C VAL C 194 6.31 6.78 4.46
N VAL C 195 7.26 6.48 3.59
CA VAL C 195 8.23 5.47 3.88
C VAL C 195 9.69 5.94 3.80
N GLU C 196 10.06 6.73 2.80
CA GLU C 196 11.51 6.89 2.40
C GLU C 196 11.67 8.21 1.60
N GLY C 197 12.89 8.75 1.57
CA GLY C 197 13.29 9.68 0.59
C GLY C 197 13.66 8.86 -0.63
N SER C 198 14.40 9.41 -1.56
CA SER C 198 14.92 8.53 -2.64
C SER C 198 16.09 7.66 -2.28
N GLY C 199 16.98 8.10 -1.41
CA GLY C 199 17.88 7.21 -0.76
C GLY C 199 17.98 7.39 0.76
N GLU C 200 16.89 7.70 1.48
CA GLU C 200 17.03 8.14 2.87
C GLU C 200 15.98 7.63 3.71
N ASN C 201 16.28 7.29 4.95
CA ASN C 201 15.22 7.07 5.86
C ASN C 201 14.68 8.38 6.37
N ILE C 202 13.49 8.33 6.97
CA ILE C 202 12.84 9.60 7.35
C ILE C 202 12.36 9.56 8.81
N PHE C 203 12.51 10.68 9.54
CA PHE C 203 12.11 10.73 10.95
C PHE C 203 11.23 11.96 11.12
N ILE C 204 10.20 11.85 11.92
CA ILE C 204 9.53 13.06 12.31
C ILE C 204 9.61 13.17 13.83
N VAL C 205 9.31 14.37 14.30
CA VAL C 205 9.06 14.65 15.70
C VAL C 205 7.66 15.23 15.80
N ARG C 206 6.88 14.57 16.65
CA ARG C 206 5.48 14.84 16.95
C ARG C 206 5.26 14.97 18.46
N ARG C 207 5.22 16.21 18.93
CA ARG C 207 4.98 16.51 20.37
C ARG C 207 6.06 15.84 21.21
N GLY C 208 7.34 16.15 20.89
CA GLY C 208 8.46 15.54 21.62
C GLY C 208 8.74 14.03 21.41
N VAL C 209 7.95 13.36 20.55
CA VAL C 209 8.26 11.93 20.24
C VAL C 209 8.76 11.72 18.80
N LEU C 210 9.83 10.98 18.71
CA LEU C 210 10.46 10.76 17.42
C LEU C 210 9.67 9.58 16.80
N MET C 211 9.31 9.67 15.51
CA MET C 211 8.62 8.57 14.79
C MET C 211 9.42 8.24 13.52
N THR C 212 9.57 6.97 13.19
CA THR C 212 10.16 6.61 11.86
C THR C 212 9.33 5.38 11.44
N PRO C 213 9.02 5.20 10.13
CA PRO C 213 8.28 4.05 9.68
C PRO C 213 8.97 2.68 10.01
N PRO C 214 8.21 1.64 10.43
CA PRO C 214 8.75 0.28 10.71
C PRO C 214 9.16 -0.47 9.51
N LEU C 215 9.88 -1.57 9.79
CA LEU C 215 10.56 -2.36 8.80
C LEU C 215 9.54 -2.74 7.73
N GLU C 216 8.34 -3.12 8.17
CA GLU C 216 7.32 -3.71 7.31
C GLU C 216 6.69 -2.76 6.32
N ASP C 217 6.79 -1.46 6.59
CA ASP C 217 6.15 -0.48 5.69
C ASP C 217 6.86 -0.35 4.34
N GLY C 218 8.02 -1.05 4.08
CA GLY C 218 8.65 -1.08 2.79
C GLY C 218 10.05 -0.39 2.77
N ILE C 219 10.62 -0.09 3.95
CA ILE C 219 11.80 0.74 4.07
C ILE C 219 12.97 -0.17 3.87
N LEU C 220 14.08 0.42 3.54
CA LEU C 220 15.34 -0.27 3.74
C LEU C 220 15.83 0.13 5.15
N GLU C 221 16.24 -0.85 5.89
CA GLU C 221 16.75 -0.79 7.27
C GLU C 221 18.12 -0.10 7.32
N GLY C 222 18.11 1.15 7.46
CA GLY C 222 19.30 1.91 7.38
C GLY C 222 20.12 1.84 8.65
N ILE C 223 21.44 1.85 8.43
CA ILE C 223 22.40 1.90 9.45
C ILE C 223 22.47 3.26 10.13
N THR C 224 22.14 4.30 9.42
CA THR C 224 22.10 5.66 9.98
C THR C 224 20.83 5.86 10.80
N ARG C 225 19.71 5.35 10.29
CA ARG C 225 18.45 5.13 11.13
C ARG C 225 18.69 4.37 12.46
N GLU C 226 19.45 3.25 12.39
CA GLU C 226 19.81 2.49 13.56
C GLU C 226 20.69 3.24 14.56
N THR C 227 21.60 4.05 14.04
CA THR C 227 22.44 4.80 14.89
C THR C 227 21.53 5.84 15.55
N VAL C 228 20.55 6.31 14.80
CA VAL C 228 19.69 7.36 15.33
C VAL C 228 18.84 6.89 16.47
N ILE C 229 18.42 5.63 16.37
CA ILE C 229 17.61 5.01 17.40
C ILE C 229 18.47 4.82 18.67
N SER C 230 19.74 4.47 18.55
CA SER C 230 20.63 4.32 19.68
C SER C 230 20.85 5.73 20.36
N ILE C 231 21.08 6.77 19.56
CA ILE C 231 21.31 8.13 20.01
C ILE C 231 20.08 8.57 20.82
N ALA C 232 18.90 8.36 20.27
CA ALA C 232 17.67 8.64 20.97
C ALA C 232 17.62 8.01 22.34
N GLY C 233 17.88 6.71 22.43
CA GLY C 233 17.85 6.01 23.68
C GLY C 233 18.90 6.53 24.64
N ASP C 234 20.08 6.96 24.15
CA ASP C 234 21.12 7.57 25.02
C ASP C 234 20.63 8.88 25.57
N LEU C 235 19.89 9.64 24.76
CA LEU C 235 19.41 10.98 25.10
C LEU C 235 18.08 10.97 25.82
N GLY C 236 17.50 9.78 26.02
CA GLY C 236 16.16 9.62 26.56
C GLY C 236 15.13 10.37 25.73
N ILE C 237 15.24 10.33 24.41
CA ILE C 237 14.15 10.90 23.55
C ILE C 237 13.22 9.73 23.20
N PRO C 238 11.94 9.81 23.59
CA PRO C 238 11.05 8.66 23.35
C PRO C 238 10.94 8.51 21.84
N LEU C 239 10.95 7.26 21.40
CA LEU C 239 11.01 6.95 19.95
C LEU C 239 10.03 5.85 19.60
N LEU C 240 9.32 5.98 18.48
CA LEU C 240 8.45 4.91 18.03
C LEU C 240 8.74 4.53 16.63
N GLU C 241 8.78 3.22 16.33
CA GLU C 241 8.75 2.78 14.96
C GLU C 241 7.33 2.60 14.58
N LYS C 242 6.78 3.59 13.85
CA LYS C 242 5.33 3.72 13.58
C LYS C 242 5.04 4.38 12.20
N SER C 243 4.03 3.91 11.55
CA SER C 243 3.64 4.41 10.24
C SER C 243 3.38 5.93 10.33
N ILE C 244 3.81 6.63 9.31
CA ILE C 244 3.70 8.07 9.14
C ILE C 244 2.83 8.38 7.92
N THR C 245 1.87 9.31 8.05
CA THR C 245 1.01 9.78 6.93
C THR C 245 1.55 11.13 6.54
N ARG C 246 1.20 11.56 5.35
CA ARG C 246 1.51 12.85 4.85
C ARG C 246 1.10 13.98 5.72
N GLU C 247 -0.11 13.86 6.22
CA GLU C 247 -0.72 14.77 7.17
C GLU C 247 0.15 14.90 8.41
N GLU C 248 0.65 13.80 8.94
CA GLU C 248 1.53 13.88 10.14
C GLU C 248 2.89 14.54 9.77
N LEU C 249 3.27 14.38 8.50
CA LEU C 249 4.46 15.07 8.00
C LEU C 249 4.18 16.55 7.88
N TYR C 250 3.05 16.90 7.23
CA TYR C 250 2.64 18.28 7.19
C TYR C 250 2.53 18.87 8.58
N ALA C 251 2.10 18.13 9.58
CA ALA C 251 1.81 18.76 10.89
C ALA C 251 3.00 18.54 11.88
N ALA C 252 4.19 18.15 11.37
CA ALA C 252 5.32 17.76 12.21
C ALA C 252 5.92 18.97 12.88
N ASP C 253 6.24 18.83 14.17
CA ASP C 253 7.04 19.87 14.82
C ASP C 253 8.47 19.96 14.22
N GLU C 254 9.03 18.81 13.89
CA GLU C 254 10.32 18.66 13.16
C GLU C 254 10.28 17.46 12.21
N ALA C 255 11.15 17.46 11.21
CA ALA C 255 11.32 16.32 10.32
C ALA C 255 12.76 16.27 9.85
N PHE C 256 13.29 15.06 9.64
CA PHE C 256 14.63 14.97 9.06
C PHE C 256 14.84 13.66 8.31
N PHE C 257 15.75 13.73 7.36
CA PHE C 257 16.27 12.57 6.65
C PHE C 257 17.54 12.05 7.27
N VAL C 258 17.77 10.72 7.18
CA VAL C 258 19.06 10.11 7.57
C VAL C 258 19.54 9.17 6.49
N GLY C 259 20.85 9.15 6.22
CA GLY C 259 21.46 8.10 5.50
C GLY C 259 22.93 8.36 5.46
N THR C 260 23.65 7.39 4.90
CA THR C 260 25.10 7.38 4.95
C THR C 260 25.61 8.60 4.30
N ALA C 261 25.12 8.86 3.09
CA ALA C 261 25.41 10.04 2.34
C ALA C 261 24.71 11.29 2.96
N ALA C 262 23.41 11.14 3.30
CA ALA C 262 22.68 12.30 3.77
C ALA C 262 23.17 12.77 5.15
N GLU C 263 23.73 11.85 5.93
CA GLU C 263 23.97 12.11 7.35
C GLU C 263 22.66 12.40 8.09
N ILE C 264 22.57 13.51 8.86
CA ILE C 264 21.32 13.96 9.50
C ILE C 264 20.89 15.29 8.83
N THR C 265 19.90 15.27 7.93
CA THR C 265 19.55 16.46 7.17
C THR C 265 18.17 16.93 7.58
N PRO C 266 18.07 18.10 8.24
CA PRO C 266 16.75 18.65 8.53
C PRO C 266 15.84 18.83 7.25
N ILE C 267 14.55 18.66 7.43
CA ILE C 267 13.65 18.94 6.34
C ILE C 267 12.91 20.17 6.83
N ILE C 268 13.14 21.26 6.16
CA ILE C 268 12.58 22.56 6.53
C ILE C 268 11.40 22.94 5.66
N GLU C 269 11.06 22.14 4.65
CA GLU C 269 9.87 22.39 3.87
C GLU C 269 9.36 21.10 3.27
N ILE C 270 8.06 20.80 3.46
CA ILE C 270 7.36 19.69 2.75
C ILE C 270 6.18 20.18 1.98
N ASP C 271 6.22 19.99 0.68
CA ASP C 271 5.16 20.43 -0.26
C ASP C 271 4.72 21.85 0.02
N GLY C 272 5.67 22.77 0.17
CA GLY C 272 5.35 24.22 0.41
C GLY C 272 5.11 24.61 1.87
N ARG C 273 5.05 23.64 2.77
CA ARG C 273 4.75 23.88 4.19
C ARG C 273 6.05 23.86 5.01
N VAL C 274 6.41 25.04 5.53
CA VAL C 274 7.66 25.32 6.21
C VAL C 274 7.75 24.52 7.48
N LEU C 275 8.89 23.89 7.77
CA LEU C 275 9.12 23.23 9.07
C LEU C 275 10.30 23.90 9.73
N GLN C 276 10.15 24.12 11.05
CA GLN C 276 11.21 24.53 11.91
C GLN C 276 12.45 23.69 11.73
N ARG C 277 13.61 24.30 11.61
CA ARG C 277 14.91 23.57 11.82
C ARG C 277 15.09 23.25 13.31
N GLY C 278 14.42 22.21 13.83
CA GLY C 278 14.16 22.09 15.30
C GLY C 278 15.28 21.58 16.19
N PRO C 279 15.03 21.50 17.51
CA PRO C 279 16.13 21.17 18.49
C PRO C 279 16.44 19.66 18.64
N ILE C 280 15.44 18.81 18.46
CA ILE C 280 15.70 17.41 18.50
C ILE C 280 16.62 16.98 17.35
N THR C 281 16.35 17.49 16.14
CA THR C 281 17.18 17.25 15.00
C THR C 281 18.62 17.73 15.22
N GLN C 282 18.74 18.97 15.70
CA GLN C 282 20.08 19.57 16.00
C GLN C 282 20.86 18.71 17.03
N LYS C 283 20.24 18.36 18.13
CA LYS C 283 20.91 17.46 19.03
C LYS C 283 21.36 16.12 18.43
N ILE C 284 20.50 15.48 17.65
CA ILE C 284 20.92 14.25 16.93
C ILE C 284 22.05 14.55 15.91
N ALA C 285 21.95 15.63 15.13
CA ALA C 285 22.91 15.87 14.07
C ALA C 285 24.29 16.12 14.72
N GLU C 286 24.25 16.90 15.80
CA GLU C 286 25.48 17.16 16.59
C GLU C 286 26.10 15.96 17.19
N THR C 287 25.27 15.10 17.81
CA THR C 287 25.87 13.88 18.37
C THR C 287 26.31 12.87 17.36
N TYR C 288 25.57 12.68 16.28
CA TYR C 288 26.10 11.88 15.17
C TYR C 288 27.48 12.38 14.71
N ARG C 289 27.70 13.68 14.44
CA ARG C 289 29.06 14.16 14.03
C ARG C 289 30.15 13.84 15.10
N ARG C 290 29.82 14.04 16.39
CA ARG C 290 30.79 13.74 17.44
C ARG C 290 31.19 12.26 17.37
N ILE C 291 30.17 11.43 17.13
CA ILE C 291 30.36 9.99 16.99
C ILE C 291 31.30 9.61 15.86
N VAL C 292 31.03 10.11 14.69
CA VAL C 292 31.82 9.68 13.52
C VAL C 292 33.20 10.23 13.55
N LEU C 293 33.32 11.38 14.24
CA LEU C 293 34.60 11.98 14.49
C LEU C 293 35.44 11.34 15.59
N GLY C 294 34.93 10.28 16.20
CA GLY C 294 35.62 9.61 17.25
C GLY C 294 35.73 10.40 18.56
N LYS C 295 34.73 11.18 18.94
CA LYS C 295 34.74 12.05 20.15
C LYS C 295 33.83 11.50 21.27
N GLU C 296 33.21 10.33 21.03
CA GLU C 296 32.34 9.63 21.98
C GLU C 296 32.85 8.22 22.18
N GLU C 297 33.63 8.05 23.25
CA GLU C 297 34.28 6.79 23.63
C GLU C 297 33.39 5.53 23.52
N LYS C 298 32.14 5.65 23.96
CA LYS C 298 31.17 4.58 24.00
C LYS C 298 30.93 3.96 22.62
N TYR C 299 30.85 4.82 21.60
CA TYR C 299 30.68 4.39 20.20
C TYR C 299 31.95 4.15 19.35
N LEU C 300 33.12 4.18 19.96
CA LEU C 300 34.34 3.77 19.30
C LEU C 300 34.37 2.37 18.68
N PRO C 301 33.63 1.39 19.26
CA PRO C 301 33.62 0.10 18.59
C PRO C 301 33.05 0.16 17.14
N TRP C 302 32.38 1.22 16.73
CA TRP C 302 31.94 1.26 15.34
C TRP C 302 32.86 1.96 14.39
N LEU C 303 34.01 2.44 14.83
CA LEU C 303 34.93 3.11 13.95
C LEU C 303 36.10 2.22 13.67
N THR C 304 36.40 1.99 12.42
CA THR C 304 37.54 1.18 12.04
C THR C 304 38.65 2.20 11.61
N PRO C 305 39.79 2.32 12.36
CA PRO C 305 40.86 3.20 11.91
C PRO C 305 41.54 2.61 10.72
N VAL C 306 41.98 3.47 9.82
CA VAL C 306 42.55 2.96 8.60
C VAL C 306 44.07 2.88 8.77
N TYR C 307 44.67 3.82 9.49
CA TYR C 307 46.13 3.79 9.69
C TYR C 307 46.51 3.34 11.10
N1 PLP D . -13.34 16.56 -14.96
C2 PLP D . -13.83 16.85 -13.75
C2A PLP D . -13.22 16.26 -12.51
C3 PLP D . -14.89 17.84 -13.59
O3 PLP D . -15.32 18.20 -12.31
C4 PLP D . -15.47 18.45 -14.82
C4A PLP D . -16.60 19.46 -14.77
C5 PLP D . -14.86 18.01 -16.10
C6 PLP D . -13.81 17.06 -16.07
C5A PLP D . -15.23 18.55 -17.45
O4P PLP D . -16.59 18.41 -17.71
P PLP D . -17.25 19.37 -18.78
O1P PLP D . -17.04 20.87 -18.38
O2P PLP D . -16.74 18.94 -20.10
O3P PLP D . -18.74 19.19 -18.71
N1 PLP E . -4.17 -21.03 10.83
C2 PLP E . -5.35 -21.31 10.19
C2A PLP E . -5.67 -20.71 8.89
C3 PLP E . -6.30 -22.28 10.79
O3 PLP E . -7.52 -22.62 10.25
C4 PLP E . -5.94 -22.86 12.08
C4A PLP E . -6.84 -23.82 12.81
C5 PLP E . -4.64 -22.55 12.66
C6 PLP E . -3.83 -21.60 11.99
C5A PLP E . -4.19 -23.24 13.93
O4P PLP E . -5.02 -22.98 15.08
P PLP E . -4.75 -23.88 16.32
O1P PLP E . -3.37 -23.66 16.73
O2P PLP E . -5.04 -25.28 15.88
O3P PLP E . -5.82 -23.28 17.17
C1 PEG F . 23.19 -17.01 -22.45
O1 PEG F . 21.88 -16.91 -21.93
C2 PEG F . 23.28 -16.10 -23.61
O2 PEG F . 24.08 -14.99 -23.30
C3 PEG F . 25.15 -15.01 -24.19
C4 PEG F . 26.35 -14.46 -23.44
O4 PEG F . 27.27 -14.01 -24.43
N1 PLP G . 16.76 4.05 2.21
C2 PLP G . 17.01 3.33 1.08
C2A PLP G . 15.98 2.98 0.04
C3 PLP G . 18.41 2.95 0.79
O3 PLP G . 18.72 2.20 -0.30
C4 PLP G . 19.44 3.31 1.79
C4A PLP G . 20.92 2.90 1.58
C5 PLP G . 19.00 4.07 2.99
C6 PLP G . 17.66 4.45 3.13
C5A PLP G . 20.05 4.56 4.03
O4P PLP G . 20.74 3.55 4.73
P PLP G . 22.13 3.76 5.44
O1P PLP G . 21.71 4.67 6.59
O2P PLP G . 23.06 4.44 4.47
O3P PLP G . 22.47 2.36 5.75
#